data_5ZI2
#
_entry.id   5ZI2
#
_cell.length_a   45.099
_cell.length_b   92.559
_cell.length_c   82.114
_cell.angle_alpha   90.00
_cell.angle_beta   99.88
_cell.angle_gamma   90.00
#
_symmetry.space_group_name_H-M   'P 1 21 1'
#
loop_
_entity.id
_entity.type
_entity.pdbx_description
1 polymer 'Malate dehydrogenase'
2 non-polymer GLYCEROL
3 non-polymer NICOTINAMIDE-ADENINE-DINUCLEOTIDE
4 non-polymer 'CHLORIDE ION'
5 non-polymer "ADENOSINE-5'-DIPHOSPHATE"
6 water water
#
_entity_poly.entity_id   1
_entity_poly.type   'polypeptide(L)'
_entity_poly.pdbx_seq_one_letter_code
;GSMVKVAILGASGGVGQPLSLLLKLSPYVSELALYDIRAAEGIGKDLSHINTNSSCVGYDKDSIENTLSNAQVVLIPAGV
PRKPGLTRDDLFKMNAGIVKSLVTAVGKFAPNARILVISNPVNSLVPIAVETLKKMGKFKPGNVMGVTNLDLVRAETFLV
DYLMLKNPKIGQEQDKTTMHRKVTVIGGHSGETIIPIITDKSLVFQLDKQYEHFIHRVQFGGDEIVKAKQGAGSATLSMA
FAGAKFAEEVLRSFHNEKPETESLSAFVYLPGLKNGKKAQQLVGDNSIEYFSLPIVLRNGSVVSIDTSVLEKLSPREEQL
VNTAVKELRKNIEKGKSFILDSSKL
;
_entity_poly.pdbx_strand_id   A,B
#
loop_
_chem_comp.id
_chem_comp.type
_chem_comp.name
_chem_comp.formula
ADP non-polymer ADENOSINE-5'-DIPHOSPHATE 'C10 H15 N5 O10 P2'
CL non-polymer 'CHLORIDE ION' 'Cl -1'
GOL non-polymer GLYCEROL 'C3 H8 O3'
NAD non-polymer NICOTINAMIDE-ADENINE-DINUCLEOTIDE 'C21 H27 N7 O14 P2'
#
# COMPACT_ATOMS: atom_id res chain seq x y z
N MET A 3 10.73 -10.14 -17.14
CA MET A 3 10.27 -9.45 -15.88
C MET A 3 11.09 -9.95 -14.74
N VAL A 4 11.07 -9.21 -13.61
CA VAL A 4 12.07 -9.28 -12.50
C VAL A 4 11.69 -10.12 -11.21
N LYS A 5 12.53 -11.05 -10.71
CA LYS A 5 12.25 -11.67 -9.38
C LYS A 5 12.76 -10.72 -8.25
N VAL A 6 11.88 -10.43 -7.29
CA VAL A 6 12.21 -9.58 -6.16
C VAL A 6 12.02 -10.39 -4.89
N ALA A 7 12.96 -10.28 -3.97
CA ALA A 7 12.88 -10.85 -2.65
C ALA A 7 12.84 -9.75 -1.62
N ILE A 8 12.01 -9.90 -0.58
CA ILE A 8 11.96 -8.95 0.53
C ILE A 8 12.27 -9.71 1.81
N LEU A 9 13.32 -9.26 2.49
CA LEU A 9 13.83 -9.83 3.76
C LEU A 9 13.43 -8.89 4.90
N GLY A 10 12.53 -9.35 5.78
CA GLY A 10 11.90 -8.52 6.78
C GLY A 10 10.51 -8.07 6.35
N ALA A 11 9.82 -8.91 5.57
CA ALA A 11 8.51 -8.59 4.92
C ALA A 11 7.31 -8.46 5.85
N SER A 12 7.43 -8.89 7.10
CA SER A 12 6.30 -8.91 8.04
C SER A 12 6.25 -7.74 8.93
N GLY A 13 7.24 -6.87 8.86
CA GLY A 13 7.29 -5.74 9.74
C GLY A 13 6.43 -4.57 9.34
N GLY A 14 6.62 -3.52 10.10
CA GLY A 14 5.99 -2.21 9.91
C GLY A 14 6.16 -1.63 8.51
N VAL A 15 7.39 -1.63 8.04
CA VAL A 15 7.72 -1.18 6.70
C VAL A 15 7.46 -2.33 5.75
N GLY A 16 7.92 -3.53 6.11
CA GLY A 16 7.88 -4.71 5.25
C GLY A 16 6.52 -5.07 4.69
N GLN A 17 5.50 -4.99 5.52
CA GLN A 17 4.19 -5.38 5.02
C GLN A 17 3.63 -4.50 3.92
N PRO A 18 3.49 -3.20 4.17
CA PRO A 18 3.02 -2.30 3.10
C PRO A 18 4.01 -2.22 1.92
N LEU A 19 5.32 -2.39 2.20
CA LEU A 19 6.29 -2.46 1.13
C LEU A 19 6.01 -3.67 0.25
N SER A 20 5.71 -4.81 0.87
CA SER A 20 5.33 -5.99 0.13
C SER A 20 4.05 -5.80 -0.70
N LEU A 21 3.04 -5.16 -0.11
CA LEU A 21 1.82 -4.81 -0.83
C LEU A 21 2.15 -3.95 -2.07
N LEU A 22 2.87 -2.86 -1.89
CA LEU A 22 3.20 -2.03 -3.06
C LEU A 22 4.03 -2.79 -4.10
N LEU A 23 4.96 -3.64 -3.68
CA LEU A 23 5.69 -4.45 -4.69
C LEU A 23 4.79 -5.43 -5.43
N LYS A 24 3.83 -6.00 -4.74
CA LYS A 24 2.87 -6.86 -5.41
C LYS A 24 2.14 -6.14 -6.58
N LEU A 25 1.93 -4.82 -6.48
CA LEU A 25 1.20 -4.08 -7.46
C LEU A 25 2.09 -3.71 -8.64
N SER A 26 3.41 -3.94 -8.58
CA SER A 26 4.29 -3.48 -9.64
C SER A 26 4.17 -4.30 -10.91
N PRO A 27 4.04 -3.66 -12.08
CA PRO A 27 4.01 -4.41 -13.34
C PRO A 27 5.38 -4.91 -13.78
N TYR A 28 6.46 -4.51 -13.08
CA TYR A 28 7.82 -4.91 -13.41
C TYR A 28 8.29 -6.16 -12.71
N VAL A 29 7.45 -6.70 -11.82
CA VAL A 29 7.81 -7.83 -11.01
C VAL A 29 7.12 -9.09 -11.53
N SER A 30 7.90 -10.13 -11.78
CA SER A 30 7.35 -11.45 -12.17
C SER A 30 7.07 -12.35 -11.00
N GLU A 31 8.00 -12.44 -10.06
CA GLU A 31 7.84 -13.21 -8.81
C GLU A 31 8.29 -12.35 -7.64
N LEU A 32 7.54 -12.42 -6.54
CA LEU A 32 7.85 -11.69 -5.35
C LEU A 32 8.00 -12.72 -4.24
N ALA A 33 9.15 -12.76 -3.58
CA ALA A 33 9.34 -13.74 -2.49
C ALA A 33 9.52 -13.05 -1.21
N LEU A 34 8.74 -13.46 -0.20
CA LEU A 34 8.78 -12.74 1.06
C LEU A 34 9.38 -13.62 2.13
N TYR A 35 10.21 -13.06 2.96
CA TYR A 35 10.91 -13.78 4.00
C TYR A 35 10.89 -12.95 5.29
N ASP A 36 10.71 -13.64 6.39
CA ASP A 36 10.88 -13.02 7.68
C ASP A 36 11.11 -14.13 8.72
N ILE A 37 11.51 -13.73 9.92
CA ILE A 37 11.61 -14.67 11.01
C ILE A 37 10.24 -15.16 11.48
N ARG A 38 9.16 -14.37 11.29
CA ARG A 38 7.79 -14.85 11.48
C ARG A 38 6.83 -14.31 10.39
N ALA A 39 5.79 -15.09 10.12
CA ALA A 39 4.57 -14.66 9.51
C ALA A 39 4.61 -14.39 7.99
N ALA A 40 5.73 -14.65 7.32
CA ALA A 40 5.81 -14.27 5.88
C ALA A 40 4.95 -15.14 5.03
N GLU A 41 4.79 -16.44 5.38
CA GLU A 41 3.93 -17.31 4.59
C GLU A 41 2.50 -16.77 4.45
N GLY A 42 1.96 -16.30 5.55
CA GLY A 42 0.62 -15.80 5.63
C GLY A 42 0.41 -14.47 4.93
N ILE A 43 1.41 -13.61 4.98
CA ILE A 43 1.34 -12.34 4.24
C ILE A 43 1.47 -12.55 2.77
N GLY A 44 2.37 -13.47 2.36
CA GLY A 44 2.51 -13.84 0.97
C GLY A 44 1.24 -14.42 0.43
N LYS A 45 0.59 -15.26 1.23
CA LYS A 45 -0.65 -15.85 0.78
C LYS A 45 -1.77 -14.80 0.58
N ASP A 46 -1.93 -13.93 1.56
CA ASP A 46 -2.83 -12.73 1.47
C ASP A 46 -2.59 -12.01 0.14
N LEU A 47 -1.34 -11.62 -0.08
CA LEU A 47 -0.95 -10.87 -1.25
C LEU A 47 -1.16 -11.59 -2.54
N SER A 48 -1.02 -12.92 -2.51
CA SER A 48 -1.15 -13.74 -3.69
C SER A 48 -2.57 -13.70 -4.26
N HIS A 49 -3.55 -13.30 -3.48
CA HIS A 49 -4.96 -13.17 -3.97
C HIS A 49 -5.16 -11.92 -4.83
N ILE A 50 -4.29 -10.92 -4.69
CA ILE A 50 -4.36 -9.66 -5.47
C ILE A 50 -4.20 -9.95 -6.94
N ASN A 51 -5.04 -9.36 -7.77
CA ASN A 51 -4.99 -9.63 -9.22
C ASN A 51 -4.08 -8.78 -10.05
N THR A 52 -2.80 -8.90 -9.73
CA THR A 52 -1.74 -8.35 -10.59
C THR A 52 -0.85 -9.58 -10.95
N ASN A 53 -0.06 -9.46 -12.01
CA ASN A 53 0.48 -10.64 -12.62
C ASN A 53 1.64 -11.33 -11.81
N SER A 54 2.32 -10.64 -10.92
CA SER A 54 3.39 -11.36 -10.17
C SER A 54 2.93 -12.61 -9.39
N SER A 55 3.73 -13.66 -9.28
CA SER A 55 3.39 -14.72 -8.34
C SER A 55 4.04 -14.28 -7.00
N CYS A 56 3.39 -14.50 -5.87
CA CYS A 56 3.86 -14.03 -4.61
C CYS A 56 3.79 -15.18 -3.64
N VAL A 57 4.91 -15.52 -3.04
CA VAL A 57 5.01 -16.61 -2.08
C VAL A 57 5.82 -16.13 -0.89
N GLY A 58 5.36 -16.42 0.33
CA GLY A 58 6.11 -16.12 1.56
C GLY A 58 6.78 -17.36 2.13
N TYR A 59 7.87 -17.17 2.81
CA TYR A 59 8.71 -18.30 3.26
C TYR A 59 8.95 -18.22 4.74
N ASP A 60 9.09 -19.38 5.36
CA ASP A 60 9.33 -19.48 6.79
C ASP A 60 10.80 -19.16 7.05
N LYS A 61 11.08 -18.94 8.32
CA LYS A 61 12.41 -18.55 8.79
C LYS A 61 13.56 -19.44 8.45
N ASP A 62 13.30 -20.74 8.19
CA ASP A 62 14.30 -21.67 7.76
C ASP A 62 14.43 -21.75 6.23
N SER A 63 13.73 -20.93 5.47
CA SER A 63 13.72 -21.10 4.02
C SER A 63 14.21 -19.84 3.27
N ILE A 64 15.27 -19.19 3.78
CA ILE A 64 15.83 -18.02 3.06
C ILE A 64 16.48 -18.38 1.75
N GLU A 65 16.95 -19.63 1.62
CA GLU A 65 17.60 -20.06 0.39
C GLU A 65 16.60 -20.09 -0.74
N ASN A 66 15.45 -20.68 -0.47
CA ASN A 66 14.31 -20.70 -1.43
C ASN A 66 13.76 -19.29 -1.73
N THR A 67 13.72 -18.43 -0.72
CA THR A 67 13.43 -17.01 -0.95
C THR A 67 14.38 -16.35 -1.98
N LEU A 68 15.68 -16.54 -1.77
CA LEU A 68 16.69 -15.84 -2.51
C LEU A 68 17.03 -16.43 -3.85
N SER A 69 16.74 -17.70 -4.02
CA SER A 69 17.17 -18.37 -5.22
C SER A 69 16.69 -17.63 -6.46
N ASN A 70 17.63 -17.30 -7.35
N ASN A 70 17.59 -17.21 -7.33
CA ASN A 70 17.41 -16.48 -8.58
CA ASN A 70 17.16 -16.58 -8.59
C ASN A 70 16.56 -15.21 -8.34
C ASN A 70 16.80 -15.05 -8.48
N ALA A 71 16.89 -14.49 -7.27
CA ALA A 71 16.39 -13.17 -7.03
C ALA A 71 17.28 -12.14 -7.74
N GLN A 72 16.70 -11.27 -8.54
CA GLN A 72 17.44 -10.14 -9.10
C GLN A 72 17.57 -8.92 -8.20
N VAL A 73 16.59 -8.67 -7.37
CA VAL A 73 16.55 -7.48 -6.52
C VAL A 73 16.16 -7.95 -5.12
N VAL A 74 16.93 -7.55 -4.11
CA VAL A 74 16.61 -7.93 -2.73
C VAL A 74 16.40 -6.61 -1.93
N LEU A 75 15.21 -6.41 -1.35
CA LEU A 75 14.92 -5.26 -0.49
C LEU A 75 15.11 -5.82 0.93
N ILE A 76 15.74 -5.06 1.80
CA ILE A 76 15.97 -5.42 3.20
C ILE A 76 15.39 -4.32 4.06
N PRO A 77 14.09 -4.42 4.37
CA PRO A 77 13.49 -3.58 5.41
C PRO A 77 13.57 -4.26 6.80
N ALA A 78 14.24 -5.41 6.93
CA ALA A 78 14.51 -6.02 8.20
C ALA A 78 15.24 -5.11 9.16
N GLY A 79 14.90 -5.21 10.44
CA GLY A 79 15.61 -4.36 11.37
C GLY A 79 14.82 -4.21 12.65
N VAL A 80 15.35 -3.38 13.51
CA VAL A 80 14.64 -2.95 14.74
C VAL A 80 14.46 -1.44 14.55
N PRO A 81 13.22 -0.97 14.67
CA PRO A 81 12.98 0.50 14.52
C PRO A 81 13.17 1.23 15.85
N ARG A 82 13.13 2.54 15.77
CA ARG A 82 13.25 3.41 16.95
C ARG A 82 12.13 3.13 17.90
N LYS A 83 12.44 3.08 19.18
CA LYS A 83 11.40 2.87 20.20
C LYS A 83 11.94 3.27 21.56
N PRO A 84 11.04 3.75 22.44
CA PRO A 84 11.58 4.25 23.73
C PRO A 84 12.28 3.12 24.49
N GLY A 85 13.32 3.49 25.22
CA GLY A 85 14.11 2.50 25.92
C GLY A 85 15.20 1.90 25.10
N LEU A 86 15.33 2.30 23.80
CA LEU A 86 16.46 1.85 22.98
C LEU A 86 17.33 3.03 22.60
N THR A 87 18.60 2.95 22.91
CA THR A 87 19.52 4.02 22.52
C THR A 87 19.86 3.92 20.99
N ARG A 88 20.41 4.98 20.45
CA ARG A 88 20.98 5.00 19.12
C ARG A 88 22.00 3.86 18.99
N ASP A 89 22.90 3.70 19.97
CA ASP A 89 23.90 2.65 19.87
C ASP A 89 23.29 1.22 19.93
N ASP A 90 22.26 1.00 20.79
CA ASP A 90 21.54 -0.29 20.86
C ASP A 90 20.97 -0.61 19.45
N LEU A 91 20.28 0.37 18.84
CA LEU A 91 19.69 0.16 17.51
C LEU A 91 20.72 -0.23 16.49
N PHE A 92 21.82 0.50 16.44
CA PHE A 92 22.94 0.18 15.52
C PHE A 92 23.43 -1.24 15.67
N LYS A 93 23.65 -1.66 16.90
CA LYS A 93 24.18 -2.99 17.14
C LYS A 93 23.15 -4.08 16.76
N MET A 94 21.90 -3.92 17.17
CA MET A 94 20.88 -4.88 16.78
C MET A 94 20.68 -4.93 15.25
N ASN A 95 20.54 -3.78 14.60
CA ASN A 95 20.50 -3.80 13.11
C ASN A 95 21.73 -4.24 12.37
N ALA A 96 22.88 -3.92 12.91
CA ALA A 96 24.10 -4.36 12.32
C ALA A 96 24.15 -5.88 12.21
N GLY A 97 23.76 -6.60 13.27
CA GLY A 97 23.78 -8.04 13.20
C GLY A 97 22.74 -8.58 12.22
N ILE A 98 21.56 -8.01 12.23
CA ILE A 98 20.55 -8.42 11.29
C ILE A 98 21.05 -8.21 9.83
N VAL A 99 21.60 -7.04 9.51
CA VAL A 99 22.09 -6.78 8.15
C VAL A 99 23.29 -7.66 7.77
N LYS A 100 24.23 -7.84 8.71
CA LYS A 100 25.32 -8.79 8.42
C LYS A 100 24.83 -10.19 8.04
N SER A 101 23.92 -10.73 8.84
CA SER A 101 23.35 -12.04 8.60
C SER A 101 22.57 -12.13 7.27
N LEU A 102 21.73 -11.12 6.99
CA LEU A 102 20.93 -11.19 5.75
C LEU A 102 21.76 -11.01 4.52
N VAL A 103 22.74 -10.14 4.60
CA VAL A 103 23.62 -9.87 3.46
C VAL A 103 24.55 -11.08 3.15
N THR A 104 24.93 -11.78 4.20
CA THR A 104 25.64 -13.07 4.10
C THR A 104 24.86 -14.07 3.32
N ALA A 105 23.58 -14.17 3.64
CA ALA A 105 22.70 -15.06 2.96
C ALA A 105 22.55 -14.66 1.48
N VAL A 106 22.54 -13.35 1.17
CA VAL A 106 22.52 -12.88 -0.26
C VAL A 106 23.78 -13.31 -0.96
N GLY A 107 24.91 -13.05 -0.31
CA GLY A 107 26.19 -13.49 -0.84
C GLY A 107 26.25 -14.99 -1.16
N LYS A 108 25.64 -15.82 -0.34
CA LYS A 108 25.64 -17.25 -0.52
C LYS A 108 24.64 -17.71 -1.52
N PHE A 109 23.43 -17.19 -1.46
CA PHE A 109 22.30 -17.74 -2.26
C PHE A 109 21.89 -16.92 -3.51
N ALA A 110 22.22 -15.61 -3.55
CA ALA A 110 21.90 -14.77 -4.74
C ALA A 110 22.95 -13.69 -4.98
N PRO A 111 24.19 -14.14 -5.20
CA PRO A 111 25.28 -13.18 -5.20
C PRO A 111 25.27 -12.17 -6.32
N ASN A 112 24.49 -12.39 -7.37
CA ASN A 112 24.27 -11.40 -8.43
C ASN A 112 23.16 -10.37 -8.18
N ALA A 113 22.46 -10.46 -7.05
CA ALA A 113 21.37 -9.54 -6.73
C ALA A 113 21.78 -8.12 -6.42
N ARG A 114 20.89 -7.20 -6.78
CA ARG A 114 20.95 -5.78 -6.40
C ARG A 114 20.39 -5.73 -4.96
N ILE A 115 21.14 -5.20 -4.03
CA ILE A 115 20.72 -5.19 -2.68
C ILE A 115 20.37 -3.80 -2.28
N LEU A 116 19.10 -3.61 -1.89
CA LEU A 116 18.57 -2.28 -1.53
C LEU A 116 18.37 -2.31 0.01
N VAL A 117 19.22 -1.64 0.74
CA VAL A 117 19.15 -1.59 2.18
C VAL A 117 18.21 -0.45 2.60
N ILE A 118 17.12 -0.82 3.23
CA ILE A 118 16.17 0.08 3.86
C ILE A 118 16.44 0.22 5.38
N SER A 119 16.97 -0.82 6.02
CA SER A 119 17.34 -0.81 7.44
C SER A 119 18.10 0.44 7.83
N ASN A 120 17.76 1.00 9.00
CA ASN A 120 18.48 2.11 9.55
C ASN A 120 19.34 1.70 10.75
N PRO A 121 20.47 2.37 10.97
CA PRO A 121 20.88 3.57 10.23
C PRO A 121 21.63 3.23 8.95
N VAL A 122 21.07 3.72 7.84
CA VAL A 122 21.71 3.57 6.55
C VAL A 122 23.17 3.93 6.50
N ASN A 123 23.54 5.04 7.12
CA ASN A 123 24.89 5.55 7.03
C ASN A 123 25.98 4.57 7.43
N SER A 124 25.71 3.71 8.42
CA SER A 124 26.59 2.69 8.98
C SER A 124 26.27 1.30 8.48
N LEU A 125 25.01 1.04 8.20
CA LEU A 125 24.63 -0.34 7.78
C LEU A 125 25.01 -0.65 6.33
N VAL A 126 25.08 0.35 5.46
CA VAL A 126 25.50 0.07 4.09
C VAL A 126 27.01 -0.29 4.15
N PRO A 127 27.81 0.50 4.84
CA PRO A 127 29.18 -0.02 4.98
C PRO A 127 29.31 -1.43 5.53
N ILE A 128 28.45 -1.84 6.44
CA ILE A 128 28.48 -3.18 6.96
C ILE A 128 28.15 -4.20 5.87
N ALA A 129 27.11 -3.91 5.11
CA ALA A 129 26.76 -4.77 3.97
C ALA A 129 27.96 -4.92 3.02
N VAL A 130 28.61 -3.82 2.70
CA VAL A 130 29.76 -3.83 1.78
C VAL A 130 30.96 -4.60 2.31
N GLU A 131 31.32 -4.35 3.56
CA GLU A 131 32.45 -5.02 4.13
C GLU A 131 32.17 -6.49 4.30
N THR A 132 30.92 -6.84 4.61
CA THR A 132 30.48 -8.25 4.71
C THR A 132 30.66 -8.94 3.35
N LEU A 133 30.18 -8.30 2.30
CA LEU A 133 30.31 -8.88 0.95
C LEU A 133 31.79 -9.00 0.51
N LYS A 134 32.57 -7.99 0.85
CA LYS A 134 33.98 -8.00 0.49
C LYS A 134 34.72 -9.18 1.08
N LYS A 135 34.44 -9.53 2.34
CA LYS A 135 35.03 -10.69 2.93
C LYS A 135 34.67 -12.01 2.23
N MET A 136 33.50 -12.07 1.64
CA MET A 136 33.07 -13.22 0.95
C MET A 136 33.52 -13.23 -0.53
N GLY A 137 34.15 -12.18 -1.05
CA GLY A 137 34.48 -12.10 -2.47
C GLY A 137 33.24 -11.86 -3.34
N LYS A 138 32.18 -11.30 -2.77
CA LYS A 138 30.92 -11.18 -3.50
C LYS A 138 30.46 -9.74 -3.56
N PHE A 139 31.39 -8.79 -3.50
CA PHE A 139 31.02 -7.40 -3.52
C PHE A 139 31.11 -6.83 -4.94
N LYS A 140 29.97 -6.39 -5.47
CA LYS A 140 29.92 -5.60 -6.70
C LYS A 140 29.47 -4.18 -6.33
N PRO A 141 30.25 -3.14 -6.65
CA PRO A 141 29.86 -1.78 -6.19
C PRO A 141 28.52 -1.24 -6.68
N GLY A 142 28.16 -1.56 -7.94
CA GLY A 142 26.92 -1.08 -8.49
C GLY A 142 25.70 -1.80 -7.94
N ASN A 143 25.89 -2.87 -7.18
CA ASN A 143 24.79 -3.67 -6.69
C ASN A 143 24.39 -3.45 -5.23
N VAL A 144 24.98 -2.48 -4.53
CA VAL A 144 24.64 -2.22 -3.10
C VAL A 144 24.29 -0.80 -2.94
N MET A 145 23.02 -0.56 -2.64
CA MET A 145 22.44 0.75 -2.53
C MET A 145 21.71 0.86 -1.16
N GLY A 146 22.05 1.92 -0.42
CA GLY A 146 21.22 2.46 0.73
C GLY A 146 20.04 3.29 0.19
N VAL A 147 18.83 2.89 0.56
CA VAL A 147 17.61 3.56 0.17
C VAL A 147 17.38 4.78 1.10
N THR A 148 17.68 5.93 0.53
CA THR A 148 17.62 7.22 1.15
C THR A 148 16.41 8.01 0.61
N ASN A 149 15.66 7.38 -0.28
CA ASN A 149 14.63 8.03 -1.04
C ASN A 149 13.53 8.69 -0.22
N LEU A 150 13.32 8.30 1.06
CA LEU A 150 12.35 9.02 1.84
C LEU A 150 12.66 10.45 2.07
N ASP A 151 13.96 10.79 2.10
CA ASP A 151 14.38 12.19 2.23
C ASP A 151 13.99 13.03 0.99
N LEU A 152 14.11 12.46 -0.19
CA LEU A 152 13.66 13.21 -1.42
C LEU A 152 12.16 13.30 -1.39
N VAL A 153 11.51 12.24 -0.91
CA VAL A 153 10.02 12.25 -0.87
C VAL A 153 9.58 13.35 0.06
N ARG A 154 10.20 13.45 1.26
CA ARG A 154 9.88 14.52 2.17
C ARG A 154 10.20 15.90 1.58
N ALA A 155 11.33 16.05 0.96
CA ALA A 155 11.71 17.36 0.41
C ALA A 155 10.69 17.82 -0.64
N GLU A 156 10.17 16.91 -1.47
CA GLU A 156 9.18 17.30 -2.52
C GLU A 156 7.88 17.72 -1.85
N THR A 157 7.48 17.00 -0.79
CA THR A 157 6.27 17.29 -0.06
C THR A 157 6.41 18.60 0.66
N PHE A 158 7.51 18.79 1.34
CA PHE A 158 7.63 19.94 2.24
C PHE A 158 7.92 21.21 1.47
N LEU A 159 8.58 21.14 0.31
CA LEU A 159 8.71 22.29 -0.52
C LEU A 159 7.33 22.84 -0.92
N VAL A 160 6.41 21.99 -1.38
CA VAL A 160 5.07 22.41 -1.66
C VAL A 160 4.32 22.97 -0.41
N ASP A 161 4.42 22.31 0.73
CA ASP A 161 3.72 22.76 1.91
C ASP A 161 4.21 24.13 2.37
N TYR A 162 5.52 24.38 2.30
CA TYR A 162 6.05 25.67 2.68
C TYR A 162 5.76 26.76 1.64
N LEU A 163 5.82 26.47 0.36
CA LEU A 163 5.33 27.44 -0.62
C LEU A 163 3.83 27.74 -0.43
N MET A 164 3.04 26.75 -0.03
CA MET A 164 1.60 26.97 0.14
C MET A 164 1.26 27.96 1.25
N LEU A 165 2.07 27.95 2.31
CA LEU A 165 2.00 28.99 3.36
C LEU A 165 2.62 30.34 2.92
N LYS A 166 3.75 30.31 2.24
CA LYS A 166 4.51 31.54 1.98
C LYS A 166 3.82 32.34 0.88
N ASN A 167 3.49 31.73 -0.24
CA ASN A 167 2.54 32.32 -1.15
C ASN A 167 1.74 31.31 -1.95
N PRO A 168 0.45 31.25 -1.58
CA PRO A 168 -0.44 30.25 -2.18
C PRO A 168 -0.41 30.23 -3.70
N LYS A 169 -0.25 31.39 -4.34
CA LYS A 169 -0.27 31.47 -5.79
C LYS A 169 0.78 30.58 -6.46
N ILE A 170 2.00 30.59 -5.95
CA ILE A 170 3.04 29.69 -6.51
C ILE A 170 2.86 28.26 -5.95
N GLY A 171 2.64 28.15 -4.64
CA GLY A 171 2.25 26.89 -3.99
C GLY A 171 1.26 26.01 -4.80
N GLN A 172 0.14 26.62 -5.20
CA GLN A 172 -0.91 25.94 -5.99
C GLN A 172 -0.44 25.52 -7.38
N GLU A 173 0.48 26.25 -8.00
CA GLU A 173 1.04 25.77 -9.27
C GLU A 173 1.93 24.49 -9.14
N GLN A 174 2.18 24.02 -7.91
CA GLN A 174 3.10 22.90 -7.74
C GLN A 174 2.38 21.56 -7.74
N ASP A 175 2.97 20.58 -8.41
CA ASP A 175 2.61 19.18 -8.31
C ASP A 175 3.65 18.47 -7.42
N LYS A 176 3.24 18.00 -6.22
CA LYS A 176 4.15 17.23 -5.35
C LYS A 176 4.78 16.07 -6.03
N THR A 177 4.08 15.48 -6.95
CA THR A 177 4.58 14.25 -7.58
C THR A 177 5.76 14.53 -8.54
N THR A 178 5.95 15.75 -9.02
CA THR A 178 7.05 16.00 -9.94
C THR A 178 8.05 17.04 -9.34
N MET A 179 8.10 17.18 -8.01
CA MET A 179 8.96 18.20 -7.43
C MET A 179 10.44 17.83 -7.46
N HIS A 180 10.76 16.58 -7.75
CA HIS A 180 12.10 16.16 -7.91
C HIS A 180 12.79 16.94 -9.04
N ARG A 181 12.02 17.58 -9.95
CA ARG A 181 12.61 18.49 -10.93
C ARG A 181 13.20 19.73 -10.27
N LYS A 182 12.83 20.03 -9.04
CA LYS A 182 13.23 21.24 -8.39
C LYS A 182 14.03 21.08 -7.13
N VAL A 183 14.12 19.85 -6.62
CA VAL A 183 14.87 19.58 -5.43
C VAL A 183 15.48 18.21 -5.58
N THR A 184 16.73 18.09 -5.16
CA THR A 184 17.53 16.90 -5.08
C THR A 184 18.03 16.81 -3.63
N VAL A 185 18.03 15.63 -3.04
CA VAL A 185 18.60 15.46 -1.69
C VAL A 185 19.77 14.58 -1.75
N ILE A 186 20.86 14.99 -1.11
CA ILE A 186 22.09 14.26 -1.06
C ILE A 186 22.62 14.11 0.36
N GLY A 187 23.65 13.29 0.52
CA GLY A 187 24.42 13.14 1.74
C GLY A 187 24.16 11.81 2.43
N GLY A 188 23.70 11.87 3.64
CA GLY A 188 23.38 10.71 4.42
C GLY A 188 21.92 10.71 4.69
N HIS A 189 21.56 9.87 5.62
CA HIS A 189 20.18 9.57 5.86
C HIS A 189 19.67 9.90 7.27
N SER A 190 20.45 10.67 8.01
CA SER A 190 20.15 10.98 9.41
C SER A 190 20.46 12.44 9.62
N GLY A 191 19.44 13.21 10.03
CA GLY A 191 19.57 14.49 10.76
C GLY A 191 20.38 15.45 9.89
N GLU A 192 21.47 15.95 10.43
CA GLU A 192 22.29 16.86 9.62
C GLU A 192 23.29 16.23 8.60
N THR A 193 23.25 14.90 8.38
CA THR A 193 23.84 14.32 7.16
C THR A 193 22.98 14.58 5.91
N ILE A 194 21.71 14.97 6.10
CA ILE A 194 20.76 15.09 5.05
C ILE A 194 20.90 16.54 4.50
N ILE A 195 21.11 16.66 3.19
CA ILE A 195 21.34 17.94 2.49
C ILE A 195 20.34 18.16 1.33
N PRO A 196 19.28 18.93 1.58
CA PRO A 196 18.35 19.20 0.53
C PRO A 196 18.85 20.37 -0.29
N ILE A 197 18.88 20.21 -1.61
CA ILE A 197 19.41 21.19 -2.54
C ILE A 197 18.21 21.62 -3.39
N ILE A 198 17.72 22.85 -3.22
CA ILE A 198 16.66 23.34 -4.11
C ILE A 198 17.42 23.79 -5.37
N THR A 199 17.20 23.12 -6.45
CA THR A 199 17.92 23.48 -7.67
C THR A 199 17.27 24.61 -8.44
N ASP A 200 16.02 24.96 -8.14
CA ASP A 200 15.35 26.15 -8.74
C ASP A 200 15.44 27.35 -7.76
N LYS A 201 16.38 28.28 -8.07
CA LYS A 201 16.63 29.55 -7.28
C LYS A 201 15.42 30.46 -7.10
N SER A 202 14.51 30.44 -8.04
CA SER A 202 13.29 31.22 -7.87
C SER A 202 12.37 30.65 -6.80
N LEU A 203 12.40 29.35 -6.53
CA LEU A 203 11.62 28.77 -5.40
C LEU A 203 12.26 29.05 -4.09
N VAL A 204 13.60 29.02 -4.06
CA VAL A 204 14.34 29.51 -2.89
C VAL A 204 13.87 30.95 -2.55
N PHE A 205 13.79 31.79 -3.56
CA PHE A 205 13.32 33.19 -3.38
C PHE A 205 11.93 33.23 -2.74
N GLN A 206 11.04 32.45 -3.30
CA GLN A 206 9.65 32.45 -2.87
C GLN A 206 9.55 31.94 -1.45
N LEU A 207 10.41 30.99 -1.08
CA LEU A 207 10.40 30.55 0.35
C LEU A 207 10.78 31.61 1.37
N ASP A 208 11.65 32.54 0.95
CA ASP A 208 12.17 33.62 1.78
C ASP A 208 12.67 33.06 3.11
N LYS A 209 12.13 33.49 4.26
CA LYS A 209 12.65 33.00 5.55
C LYS A 209 11.97 31.70 6.00
N GLN A 210 11.18 31.06 5.17
CA GLN A 210 10.86 29.66 5.41
C GLN A 210 11.93 28.67 4.91
N TYR A 211 12.94 29.15 4.18
CA TYR A 211 13.96 28.27 3.63
C TYR A 211 14.68 27.47 4.70
N GLU A 212 15.10 28.12 5.77
CA GLU A 212 15.76 27.37 6.84
C GLU A 212 14.83 26.37 7.56
N HIS A 213 13.56 26.74 7.70
CA HIS A 213 12.53 25.86 8.26
C HIS A 213 12.33 24.62 7.38
N PHE A 214 12.37 24.80 6.06
CA PHE A 214 12.28 23.72 5.10
C PHE A 214 13.44 22.76 5.24
N ILE A 215 14.64 23.31 5.35
CA ILE A 215 15.83 22.49 5.40
C ILE A 215 15.75 21.65 6.67
N HIS A 216 15.39 22.30 7.76
CA HIS A 216 15.30 21.62 9.02
C HIS A 216 14.23 20.50 9.06
N ARG A 217 13.08 20.76 8.49
CA ARG A 217 12.01 19.78 8.44
C ARG A 217 12.37 18.53 7.64
N VAL A 218 13.08 18.73 6.51
CA VAL A 218 13.56 17.60 5.74
C VAL A 218 14.57 16.79 6.57
N GLN A 219 15.51 17.49 7.18
CA GLN A 219 16.55 16.81 7.99
C GLN A 219 15.95 16.07 9.19
N PHE A 220 14.92 16.62 9.81
CA PHE A 220 14.37 15.99 11.03
C PHE A 220 12.98 15.42 10.90
N GLY A 221 12.62 15.02 9.66
CA GLY A 221 11.35 14.39 9.41
C GLY A 221 11.09 13.12 10.22
N GLY A 222 12.11 12.30 10.42
CA GLY A 222 12.01 11.06 11.18
C GLY A 222 11.47 11.35 12.56
N ASP A 223 12.03 12.38 13.18
CA ASP A 223 11.77 12.79 14.61
C ASP A 223 10.34 13.25 14.73
N GLU A 224 9.93 13.96 13.71
CA GLU A 224 8.53 14.43 13.64
C GLU A 224 7.49 13.27 13.70
N ILE A 225 7.76 12.16 13.01
CA ILE A 225 6.84 11.03 13.05
C ILE A 225 6.90 10.31 14.43
N VAL A 226 8.10 10.07 14.98
CA VAL A 226 8.25 9.46 16.30
C VAL A 226 7.43 10.22 17.33
N LYS A 227 7.57 11.53 17.38
CA LYS A 227 6.74 12.33 18.24
C LYS A 227 5.21 12.22 17.91
N ALA A 228 4.81 12.30 16.63
CA ALA A 228 3.38 12.15 16.31
C ALA A 228 2.80 10.77 16.70
N LYS A 229 3.65 9.75 16.68
CA LYS A 229 3.31 8.38 17.11
C LYS A 229 3.58 8.13 18.58
N GLN A 230 3.71 9.19 19.36
CA GLN A 230 4.21 9.14 20.78
C GLN A 230 5.33 8.10 21.08
N GLY A 231 6.49 8.18 20.43
CA GLY A 231 7.53 7.15 20.60
C GLY A 231 7.40 5.82 19.83
N ALA A 232 6.20 5.46 19.36
CA ALA A 232 5.97 4.13 18.75
C ALA A 232 6.45 4.02 17.28
N GLY A 233 7.76 3.90 17.09
CA GLY A 233 8.34 3.76 15.77
C GLY A 233 8.30 5.07 15.00
N SER A 234 8.98 5.05 13.86
CA SER A 234 8.96 6.16 12.95
C SER A 234 8.11 5.77 11.78
N ALA A 235 8.45 6.34 10.62
CA ALA A 235 7.75 6.11 9.42
C ALA A 235 7.72 4.61 9.11
N THR A 236 6.54 4.19 8.82
CA THR A 236 6.33 2.86 8.29
C THR A 236 5.73 3.03 6.88
N LEU A 237 4.57 3.67 6.78
CA LEU A 237 3.81 3.68 5.52
C LEU A 237 4.53 4.57 4.48
N SER A 238 5.07 5.69 4.93
CA SER A 238 5.74 6.60 3.99
C SER A 238 7.08 5.98 3.56
N MET A 239 7.73 5.25 4.46
CA MET A 239 8.93 4.54 4.10
C MET A 239 8.67 3.40 3.12
N ALA A 240 7.60 2.65 3.35
CA ALA A 240 7.18 1.65 2.36
C ALA A 240 6.92 2.31 0.95
N PHE A 241 6.28 3.46 0.96
CA PHE A 241 6.02 4.23 -0.29
C PHE A 241 7.34 4.65 -0.95
N ALA A 242 8.22 5.25 -0.17
CA ALA A 242 9.53 5.63 -0.68
C ALA A 242 10.41 4.50 -1.18
N GLY A 243 10.40 3.38 -0.44
CA GLY A 243 11.14 2.16 -0.82
C GLY A 243 10.58 1.56 -2.09
N ALA A 244 9.25 1.50 -2.18
CA ALA A 244 8.61 1.02 -3.45
C ALA A 244 8.91 1.89 -4.69
N LYS A 245 8.85 3.19 -4.51
CA LYS A 245 9.26 4.13 -5.55
C LYS A 245 10.67 3.99 -6.04
N PHE A 246 11.57 3.78 -5.12
CA PHE A 246 12.95 3.58 -5.47
C PHE A 246 13.18 2.25 -6.17
N ALA A 247 12.63 1.20 -5.58
CA ALA A 247 12.69 -0.12 -6.20
C ALA A 247 12.16 -0.07 -7.63
N GLU A 248 11.07 0.66 -7.84
CA GLU A 248 10.46 0.72 -9.17
C GLU A 248 11.43 1.31 -10.18
N GLU A 249 12.27 2.30 -9.77
CA GLU A 249 13.27 2.86 -10.68
C GLU A 249 14.34 1.84 -11.01
N VAL A 250 14.72 1.06 -9.97
CA VAL A 250 15.63 -0.07 -10.17
C VAL A 250 15.00 -1.09 -11.15
N LEU A 251 13.74 -1.49 -10.92
CA LEU A 251 13.08 -2.53 -11.76
C LEU A 251 12.95 -2.04 -13.24
N ARG A 252 12.58 -0.78 -13.40
CA ARG A 252 12.41 -0.09 -14.70
C ARG A 252 13.68 -0.17 -15.55
N SER A 253 14.84 -0.06 -14.90
CA SER A 253 16.11 -0.14 -15.61
C SER A 253 16.45 -1.52 -16.21
N PHE A 254 15.75 -2.57 -15.81
CA PHE A 254 15.96 -3.92 -16.37
C PHE A 254 15.31 -4.02 -17.69
N HIS A 255 14.25 -3.22 -17.83
CA HIS A 255 13.36 -3.23 -18.97
C HIS A 255 13.70 -2.11 -19.90
N ASN A 256 14.92 -1.54 -19.85
CA ASN A 256 15.33 -0.46 -20.72
C ASN A 256 14.29 0.66 -20.82
N GLU A 257 14.04 1.30 -19.70
CA GLU A 257 13.12 2.46 -19.63
C GLU A 257 13.74 3.60 -18.80
N LYS A 258 13.46 4.84 -19.23
CA LYS A 258 14.05 6.04 -18.61
C LYS A 258 13.47 6.18 -17.18
N PRO A 259 14.29 6.57 -16.17
CA PRO A 259 13.71 6.75 -14.82
C PRO A 259 12.75 7.97 -14.78
N GLU A 260 11.67 7.91 -14.01
CA GLU A 260 10.73 9.03 -13.98
C GLU A 260 11.19 10.08 -12.95
N THR A 261 12.18 9.76 -12.12
CA THR A 261 12.64 10.63 -11.06
C THR A 261 13.97 11.28 -11.50
N GLU A 262 13.92 12.59 -11.73
CA GLU A 262 15.15 13.38 -11.90
C GLU A 262 16.05 13.37 -10.63
N SER A 263 17.33 13.20 -10.94
CA SER A 263 18.40 13.14 -9.97
C SER A 263 18.09 12.23 -8.74
N LEU A 264 17.60 11.01 -9.07
CA LEU A 264 17.33 9.97 -8.01
C LEU A 264 18.57 9.57 -7.25
N SER A 265 18.59 9.72 -5.93
CA SER A 265 19.74 9.45 -5.13
C SER A 265 19.69 8.16 -4.32
N ALA A 266 20.87 7.56 -4.13
CA ALA A 266 21.03 6.44 -3.16
C ALA A 266 22.43 6.49 -2.57
N PHE A 267 22.56 5.86 -1.40
CA PHE A 267 23.78 5.86 -0.61
C PHE A 267 24.63 4.72 -1.15
N VAL A 268 25.74 5.07 -1.82
CA VAL A 268 26.56 4.19 -2.61
C VAL A 268 28.05 4.33 -2.26
N TYR A 269 28.77 3.27 -2.62
CA TYR A 269 30.18 3.15 -2.43
C TYR A 269 30.97 3.87 -3.53
N LEU A 270 31.48 5.05 -3.21
CA LEU A 270 32.03 5.96 -4.22
C LEU A 270 33.27 5.41 -4.95
N PRO A 271 34.19 4.79 -4.21
CA PRO A 271 35.42 4.38 -4.92
C PRO A 271 35.23 3.29 -5.96
N GLY A 272 34.14 2.53 -5.91
CA GLY A 272 33.88 1.49 -6.90
C GLY A 272 33.08 1.98 -8.08
N LEU A 273 32.74 3.26 -8.17
CA LEU A 273 31.76 3.70 -9.20
C LEU A 273 32.30 4.82 -10.04
N LYS A 274 31.91 4.84 -11.31
CA LYS A 274 32.33 5.94 -12.18
C LYS A 274 31.86 7.29 -11.65
N ASN A 275 32.80 8.21 -11.56
CA ASN A 275 32.64 9.60 -11.10
C ASN A 275 32.67 9.67 -9.60
N GLY A 276 32.95 8.58 -8.89
CA GLY A 276 33.05 8.58 -7.43
C GLY A 276 34.22 9.36 -6.86
N LYS A 277 35.36 9.29 -7.57
CA LYS A 277 36.54 10.10 -7.19
C LYS A 277 36.20 11.59 -7.34
N LYS A 278 35.56 11.93 -8.44
CA LYS A 278 35.11 13.28 -8.66
C LYS A 278 34.11 13.73 -7.59
N ALA A 279 33.20 12.83 -7.23
CA ALA A 279 32.27 13.10 -6.10
C ALA A 279 32.97 13.38 -4.77
N GLN A 280 33.96 12.59 -4.44
CA GLN A 280 34.77 12.79 -3.24
C GLN A 280 35.45 14.17 -3.20
N GLN A 281 36.10 14.54 -4.31
CA GLN A 281 36.70 15.87 -4.46
C GLN A 281 35.67 16.99 -4.29
N LEU A 282 34.54 16.87 -4.97
CA LEU A 282 33.43 17.86 -4.80
C LEU A 282 32.87 18.01 -3.39
N VAL A 283 32.75 16.94 -2.63
CA VAL A 283 32.23 17.11 -1.25
C VAL A 283 33.31 17.46 -0.28
N GLY A 284 34.55 17.55 -0.80
CA GLY A 284 35.67 18.06 -0.01
C GLY A 284 36.32 17.05 0.92
N ASP A 285 36.29 15.76 0.56
CA ASP A 285 37.01 14.77 1.34
C ASP A 285 37.36 13.65 0.42
N ASN A 286 38.66 13.54 0.12
CA ASN A 286 39.15 12.68 -0.99
C ASN A 286 39.13 11.20 -0.58
N SER A 287 38.95 10.91 0.70
CA SER A 287 38.85 9.56 1.09
C SER A 287 37.40 9.16 1.49
N ILE A 288 36.38 10.04 1.44
CA ILE A 288 35.05 9.58 1.94
C ILE A 288 34.51 8.43 1.06
N GLU A 289 34.18 7.32 1.68
CA GLU A 289 33.78 6.15 0.94
C GLU A 289 32.33 6.05 0.52
N TYR A 290 31.44 6.74 1.22
CA TYR A 290 29.98 6.65 0.89
C TYR A 290 29.36 8.02 0.84
N PHE A 291 28.27 8.14 0.07
CA PHE A 291 27.46 9.33 0.01
C PHE A 291 26.22 9.03 -0.82
N SER A 292 25.14 9.78 -0.57
CA SER A 292 23.94 9.60 -1.33
C SER A 292 23.92 10.66 -2.42
N LEU A 293 23.99 10.23 -3.67
CA LEU A 293 24.03 11.15 -4.82
C LEU A 293 23.23 10.59 -5.92
N PRO A 294 22.87 11.45 -6.92
CA PRO A 294 22.16 10.93 -8.06
C PRO A 294 22.94 9.81 -8.80
N ILE A 295 22.21 8.74 -9.10
CA ILE A 295 22.75 7.57 -9.71
C ILE A 295 22.20 7.32 -11.13
N VAL A 296 22.99 6.69 -11.97
CA VAL A 296 22.53 6.17 -13.30
C VAL A 296 22.47 4.66 -13.16
N LEU A 297 21.31 4.11 -13.46
CA LEU A 297 21.06 2.69 -13.40
C LEU A 297 21.09 2.07 -14.77
N ARG A 298 21.66 0.87 -14.85
CA ARG A 298 21.59 0.07 -16.09
C ARG A 298 21.46 -1.35 -15.66
N ASN A 299 20.37 -1.98 -16.11
CA ASN A 299 20.10 -3.35 -15.75
C ASN A 299 20.13 -3.62 -14.22
N GLY A 300 19.51 -2.68 -13.49
CA GLY A 300 19.39 -2.70 -12.04
C GLY A 300 20.62 -2.33 -11.25
N SER A 301 21.75 -2.07 -11.92
CA SER A 301 23.04 -1.74 -11.26
C SER A 301 23.39 -0.27 -11.46
N VAL A 302 23.99 0.36 -10.46
CA VAL A 302 24.51 1.73 -10.61
C VAL A 302 25.76 1.65 -11.47
N VAL A 303 25.76 2.33 -12.61
CA VAL A 303 26.87 2.34 -13.54
C VAL A 303 27.67 3.67 -13.46
N SER A 304 27.03 4.75 -12.95
CA SER A 304 27.77 5.95 -12.67
C SER A 304 27.00 6.84 -11.71
N ILE A 305 27.72 7.81 -11.19
CA ILE A 305 27.18 8.79 -10.30
C ILE A 305 27.17 10.08 -11.07
N ASP A 306 26.09 10.85 -10.91
CA ASP A 306 25.95 12.11 -11.61
C ASP A 306 26.24 13.18 -10.55
N THR A 307 27.35 13.89 -10.76
CA THR A 307 27.83 14.86 -9.83
C THR A 307 27.35 16.30 -10.13
N SER A 308 26.49 16.52 -11.11
CA SER A 308 26.01 17.89 -11.49
C SER A 308 25.60 18.76 -10.31
N VAL A 309 24.76 18.19 -9.45
CA VAL A 309 24.24 18.89 -8.29
C VAL A 309 25.31 19.43 -7.39
N LEU A 310 26.43 18.70 -7.29
CA LEU A 310 27.54 19.25 -6.56
C LEU A 310 28.30 20.37 -7.28
N GLU A 311 28.12 20.58 -8.58
CA GLU A 311 28.93 21.58 -9.29
C GLU A 311 28.57 23.00 -8.91
N LYS A 312 27.28 23.31 -8.71
CA LYS A 312 26.89 24.70 -8.36
C LYS A 312 26.06 24.81 -7.13
N LEU A 313 26.69 24.44 -6.03
CA LEU A 313 26.15 24.61 -4.71
C LEU A 313 26.22 26.03 -4.27
N SER A 314 25.13 26.51 -3.68
CA SER A 314 25.14 27.78 -2.95
C SER A 314 26.15 27.72 -1.85
N PRO A 315 26.58 28.89 -1.36
CA PRO A 315 27.35 29.03 -0.13
C PRO A 315 26.82 28.32 1.08
N ARG A 316 25.55 28.50 1.34
CA ARG A 316 24.87 27.87 2.46
C ARG A 316 24.77 26.30 2.32
N GLU A 317 24.56 25.85 1.10
CA GLU A 317 24.61 24.39 0.75
C GLU A 317 25.99 23.81 1.05
N GLU A 318 27.02 24.61 0.75
CA GLU A 318 28.37 24.25 1.06
C GLU A 318 28.57 23.96 2.53
N GLN A 319 27.96 24.74 3.41
CA GLN A 319 28.03 24.50 4.86
C GLN A 319 27.32 23.24 5.31
N LEU A 320 26.15 23.01 4.71
CA LEU A 320 25.44 21.79 5.00
C LEU A 320 26.29 20.58 4.60
N VAL A 321 26.89 20.64 3.43
CA VAL A 321 27.73 19.53 2.95
C VAL A 321 28.93 19.26 3.91
N ASN A 322 29.61 20.34 4.35
CA ASN A 322 30.73 20.22 5.30
C ASN A 322 30.29 19.66 6.67
N THR A 323 29.18 20.10 7.22
CA THR A 323 28.64 19.47 8.45
C THR A 323 28.31 18.01 8.20
N ALA A 324 27.75 17.69 7.04
CA ALA A 324 27.33 16.32 6.81
C ALA A 324 28.50 15.37 6.65
N VAL A 325 29.50 15.78 5.92
CA VAL A 325 30.65 14.95 5.68
C VAL A 325 31.37 14.63 6.99
N LYS A 326 31.48 15.58 7.90
CA LYS A 326 32.09 15.29 9.23
C LYS A 326 31.36 14.21 9.94
N GLU A 327 30.04 14.33 10.04
CA GLU A 327 29.29 13.33 10.72
C GLU A 327 29.34 12.01 9.90
N LEU A 328 29.19 12.09 8.58
CA LEU A 328 29.25 10.83 7.78
C LEU A 328 30.46 10.00 7.97
N ARG A 329 31.61 10.64 7.97
CA ARG A 329 32.87 9.94 8.13
C ARG A 329 32.81 9.12 9.40
N LYS A 330 32.31 9.69 10.49
CA LYS A 330 32.20 8.86 11.72
C LYS A 330 31.26 7.71 11.61
N ASN A 331 30.10 7.93 11.00
CA ASN A 331 29.10 6.86 10.86
C ASN A 331 29.66 5.75 10.03
N ILE A 332 30.33 6.12 8.93
CA ILE A 332 30.90 5.08 8.04
C ILE A 332 31.93 4.23 8.79
N GLU A 333 32.80 4.92 9.55
CA GLU A 333 33.89 4.21 10.25
C GLU A 333 33.28 3.31 11.35
N LYS A 334 32.24 3.74 12.06
CA LYS A 334 31.48 2.86 12.98
C LYS A 334 30.93 1.55 12.30
N GLY A 335 30.39 1.68 11.10
CA GLY A 335 29.97 0.53 10.33
C GLY A 335 31.10 -0.41 9.99
N LYS A 336 32.16 0.13 9.42
CA LYS A 336 33.27 -0.66 8.97
C LYS A 336 33.89 -1.46 10.13
N SER A 337 34.10 -0.80 11.26
CA SER A 337 34.68 -1.43 12.48
C SER A 337 33.87 -2.56 13.06
N PHE A 338 32.55 -2.52 12.86
CA PHE A 338 31.71 -3.63 13.24
C PHE A 338 32.14 -4.97 12.59
N ILE A 339 32.59 -4.89 11.34
CA ILE A 339 32.93 -6.07 10.55
C ILE A 339 34.44 -6.31 10.68
N LEU A 340 35.23 -5.25 10.53
CA LEU A 340 36.67 -5.30 10.53
C LEU A 340 37.25 -5.40 11.97
N ASP A 341 36.41 -5.33 13.01
CA ASP A 341 36.74 -5.61 14.44
C ASP A 341 37.74 -4.60 14.97
N MET B 3 -10.39 15.81 -6.54
CA MET B 3 -10.79 16.82 -5.55
C MET B 3 -11.99 16.30 -4.82
N VAL B 4 -11.86 15.05 -4.32
CA VAL B 4 -12.85 14.47 -3.42
C VAL B 4 -12.27 14.47 -1.99
N LYS B 5 -13.02 14.89 -0.96
CA LYS B 5 -12.62 14.65 0.41
C LYS B 5 -13.08 13.24 0.85
N VAL B 6 -12.16 12.45 1.36
CA VAL B 6 -12.41 11.08 1.78
C VAL B 6 -12.09 10.98 3.28
N ALA B 7 -12.99 10.36 4.04
CA ALA B 7 -12.74 10.05 5.46
C ALA B 7 -12.64 8.56 5.65
N ILE B 8 -11.68 8.11 6.44
CA ILE B 8 -11.56 6.71 6.78
C ILE B 8 -11.78 6.57 8.28
N LEU B 9 -12.74 5.73 8.62
CA LEU B 9 -13.12 5.48 10.02
C LEU B 9 -12.72 4.05 10.34
N GLY B 10 -11.77 3.91 11.26
CA GLY B 10 -11.07 2.70 11.53
C GLY B 10 -9.72 2.66 10.85
N ALA B 11 -9.03 3.81 10.75
CA ALA B 11 -7.83 3.92 9.84
C ALA B 11 -6.57 3.30 10.43
N SER B 12 -6.56 2.99 11.75
CA SER B 12 -5.41 2.45 12.40
C SER B 12 -5.31 0.98 12.41
N GLY B 13 -6.32 0.28 11.89
CA GLY B 13 -6.36 -1.15 12.00
C GLY B 13 -5.56 -1.87 10.98
N GLY B 14 -5.63 -3.20 11.04
CA GLY B 14 -4.95 -4.03 10.07
C GLY B 14 -5.32 -3.74 8.61
N VAL B 15 -6.60 -3.55 8.34
CA VAL B 15 -7.04 -3.20 6.99
C VAL B 15 -6.88 -1.68 6.81
N GLY B 16 -7.28 -0.93 7.81
CA GLY B 16 -7.30 0.54 7.70
C GLY B 16 -5.97 1.18 7.36
N GLN B 17 -4.86 0.68 7.91
CA GLN B 17 -3.56 1.32 7.58
C GLN B 17 -3.18 1.22 6.12
N PRO B 18 -3.17 0.01 5.57
CA PRO B 18 -2.83 -0.09 4.17
C PRO B 18 -3.87 0.53 3.22
N LEU B 19 -5.11 0.50 3.63
CA LEU B 19 -6.19 1.23 2.98
C LEU B 19 -5.91 2.75 2.90
N SER B 20 -5.56 3.31 4.07
CA SER B 20 -5.19 4.75 4.13
C SER B 20 -3.99 5.05 3.20
N LEU B 21 -2.95 4.17 3.20
CA LEU B 21 -1.84 4.32 2.28
C LEU B 21 -2.29 4.34 0.79
N LEU B 22 -3.02 3.33 0.36
CA LEU B 22 -3.51 3.33 -1.02
C LEU B 22 -4.39 4.56 -1.38
N LEU B 23 -5.21 5.00 -0.43
CA LEU B 23 -5.99 6.23 -0.61
C LEU B 23 -5.14 7.47 -0.74
N LYS B 24 -4.10 7.56 0.06
CA LYS B 24 -3.16 8.66 -0.08
C LYS B 24 -2.54 8.78 -1.45
N LEU B 25 -2.26 7.64 -2.09
CA LEU B 25 -1.71 7.61 -3.44
C LEU B 25 -2.68 7.95 -4.56
N SER B 26 -4.00 8.02 -4.29
CA SER B 26 -4.96 8.31 -5.36
C SER B 26 -4.91 9.78 -5.86
N PRO B 27 -4.81 9.95 -7.17
CA PRO B 27 -4.84 11.34 -7.69
C PRO B 27 -6.23 11.97 -7.66
N TYR B 28 -7.25 11.18 -7.37
CA TYR B 28 -8.65 11.64 -7.32
C TYR B 28 -9.01 12.19 -5.96
N VAL B 29 -8.11 12.11 -4.96
CA VAL B 29 -8.38 12.60 -3.63
C VAL B 29 -7.74 13.93 -3.38
N SER B 30 -8.49 14.92 -2.86
CA SER B 30 -7.87 16.20 -2.35
C SER B 30 -7.57 16.29 -0.90
N GLU B 31 -8.41 15.68 -0.04
CA GLU B 31 -8.20 15.66 1.42
C GLU B 31 -8.59 14.30 1.96
N LEU B 32 -7.71 13.74 2.78
CA LEU B 32 -7.94 12.47 3.35
C LEU B 32 -7.90 12.66 4.86
N ALA B 33 -8.95 12.26 5.56
CA ALA B 33 -9.06 12.43 6.97
C ALA B 33 -9.19 11.06 7.57
N LEU B 34 -8.37 10.79 8.56
CA LEU B 34 -8.29 9.50 9.14
C LEU B 34 -8.73 9.61 10.58
N TYR B 35 -9.45 8.60 11.01
CA TYR B 35 -10.01 8.60 12.34
C TYR B 35 -9.97 7.22 12.87
N ASP B 36 -9.81 7.13 14.18
CA ASP B 36 -9.81 5.85 14.87
C ASP B 36 -9.84 6.12 16.38
N ILE B 37 -10.17 5.11 17.15
CA ILE B 37 -10.20 5.35 18.61
C ILE B 37 -8.78 5.49 19.12
N ARG B 38 -7.78 4.92 18.41
CA ARG B 38 -6.36 5.11 18.73
C ARG B 38 -5.46 5.35 17.50
N ALA B 39 -4.40 6.14 17.69
CA ALA B 39 -3.22 6.21 16.81
C ALA B 39 -3.37 6.86 15.44
N ALA B 40 -4.56 7.40 15.13
CA ALA B 40 -4.78 7.89 13.76
C ALA B 40 -4.02 9.17 13.47
N GLU B 41 -3.80 10.00 14.47
CA GLU B 41 -3.01 11.20 14.21
C GLU B 41 -1.56 10.90 13.73
N GLY B 42 -0.91 9.94 14.36
CA GLY B 42 0.42 9.54 13.94
C GLY B 42 0.43 8.91 12.52
N ILE B 43 -0.57 8.09 12.22
CA ILE B 43 -0.68 7.47 10.90
C ILE B 43 -0.87 8.54 9.85
N GLY B 44 -1.71 9.51 10.17
CA GLY B 44 -1.97 10.67 9.31
C GLY B 44 -0.72 11.44 8.99
N LYS B 45 0.02 11.69 10.06
CA LYS B 45 1.24 12.44 9.95
C LYS B 45 2.26 11.69 9.04
N ASP B 46 2.45 10.41 9.29
CA ASP B 46 3.31 9.54 8.46
C ASP B 46 2.85 9.63 6.98
N LEU B 47 1.58 9.38 6.72
CA LEU B 47 1.09 9.52 5.33
C LEU B 47 1.27 10.92 4.72
N SER B 48 1.19 11.96 5.55
CA SER B 48 1.25 13.32 5.07
C SER B 48 2.60 13.61 4.45
N HIS B 49 3.63 12.79 4.74
CA HIS B 49 4.93 13.01 4.15
C HIS B 49 5.01 12.58 2.68
N ILE B 50 4.06 11.75 2.21
CA ILE B 50 4.06 11.19 0.88
C ILE B 50 3.76 12.29 -0.15
N ASN B 51 4.56 12.30 -1.23
CA ASN B 51 4.49 13.41 -2.20
C ASN B 51 3.47 13.18 -3.31
N THR B 52 2.24 13.09 -2.86
CA THR B 52 1.03 13.12 -3.73
C THR B 52 0.17 14.26 -3.28
N ASN B 53 -0.68 14.75 -4.17
CA ASN B 53 -1.40 16.03 -3.97
C ASN B 53 -2.73 15.94 -3.23
N SER B 54 -2.64 15.59 -1.98
CA SER B 54 -3.80 15.43 -1.08
C SER B 54 -3.27 15.78 0.25
N SER B 55 -4.00 16.58 1.04
CA SER B 55 -3.59 16.83 2.41
C SER B 55 -4.10 15.63 3.23
N CYS B 56 -3.33 15.15 4.19
CA CYS B 56 -3.76 14.02 5.01
C CYS B 56 -3.59 14.36 6.50
N VAL B 57 -4.69 14.27 7.21
CA VAL B 57 -4.73 14.57 8.63
C VAL B 57 -5.39 13.45 9.39
N GLY B 58 -4.75 13.00 10.47
CA GLY B 58 -5.46 12.08 11.39
C GLY B 58 -6.02 12.73 12.64
N TYR B 59 -7.05 12.14 13.23
CA TYR B 59 -7.87 12.78 14.25
C TYR B 59 -8.00 11.82 15.43
N ASP B 60 -8.03 12.39 16.64
CA ASP B 60 -8.17 11.56 17.85
C ASP B 60 -9.61 11.13 18.05
N LYS B 61 -9.83 10.28 19.04
CA LYS B 61 -11.15 9.60 19.26
C LYS B 61 -12.29 10.60 19.48
N ASP B 62 -11.97 11.79 19.97
CA ASP B 62 -13.04 12.79 20.21
C ASP B 62 -13.27 13.70 19.05
N SER B 63 -12.60 13.52 17.93
CA SER B 63 -12.77 14.44 16.80
C SER B 63 -13.37 13.83 15.53
N ILE B 64 -14.38 12.97 15.71
CA ILE B 64 -15.05 12.43 14.55
C ILE B 64 -15.79 13.49 13.71
N GLU B 65 -16.31 14.54 14.35
CA GLU B 65 -16.97 15.61 13.60
C GLU B 65 -16.00 16.34 12.66
N ASN B 66 -14.81 16.69 13.14
CA ASN B 66 -13.77 17.30 12.27
C ASN B 66 -13.36 16.33 11.17
N THR B 67 -13.25 15.06 11.50
CA THR B 67 -12.96 14.09 10.52
C THR B 67 -14.00 14.13 9.34
N LEU B 68 -15.28 14.12 9.66
CA LEU B 68 -16.36 13.91 8.70
C LEU B 68 -16.81 15.18 7.96
N SER B 69 -16.54 16.35 8.51
CA SER B 69 -17.06 17.58 7.98
C SER B 69 -16.74 17.75 6.50
N ASN B 70 -17.77 17.85 5.71
CA ASN B 70 -17.66 17.95 4.27
C ASN B 70 -17.01 16.76 3.58
N ALA B 71 -17.02 15.58 4.22
CA ALA B 71 -16.52 14.39 3.52
C ALA B 71 -17.53 13.97 2.45
N GLN B 72 -17.04 13.81 1.23
CA GLN B 72 -17.84 13.25 0.18
C GLN B 72 -17.92 11.71 0.21
N VAL B 73 -16.87 11.00 0.59
CA VAL B 73 -16.84 9.55 0.64
C VAL B 73 -16.32 9.11 1.99
N VAL B 74 -16.98 8.16 2.61
CA VAL B 74 -16.56 7.68 3.94
C VAL B 74 -16.36 6.17 3.79
N LEU B 75 -15.14 5.73 4.07
CA LEU B 75 -14.79 4.28 4.06
C LEU B 75 -14.78 3.82 5.50
N ILE B 76 -15.34 2.65 5.76
CA ILE B 76 -15.45 2.13 7.18
C ILE B 76 -14.89 0.75 7.23
N PRO B 77 -13.58 0.61 7.44
CA PRO B 77 -13.03 -0.70 7.71
C PRO B 77 -12.94 -0.93 9.23
N ALA B 78 -13.54 -0.08 10.03
CA ALA B 78 -13.47 -0.28 11.49
C ALA B 78 -14.08 -1.61 11.91
N GLY B 79 -13.61 -2.18 12.99
CA GLY B 79 -14.17 -3.48 13.40
C GLY B 79 -13.29 -4.13 14.43
N VAL B 80 -13.74 -5.21 15.06
CA VAL B 80 -12.82 -5.90 15.96
C VAL B 80 -12.31 -7.16 15.27
N PRO B 81 -11.03 -7.47 15.47
CA PRO B 81 -10.41 -8.66 14.93
C PRO B 81 -10.67 -9.87 15.90
N ARG B 82 -10.92 -11.04 15.29
CA ARG B 82 -10.88 -12.35 15.95
C ARG B 82 -9.83 -12.45 17.07
N LYS B 83 -10.20 -13.06 18.20
CA LYS B 83 -9.21 -13.43 19.25
C LYS B 83 -9.83 -14.48 20.16
N PRO B 84 -9.00 -15.18 20.99
CA PRO B 84 -9.56 -16.14 21.98
C PRO B 84 -10.64 -15.56 22.86
N GLY B 85 -11.75 -16.28 23.00
CA GLY B 85 -12.89 -15.85 23.76
C GLY B 85 -13.93 -15.00 23.04
N LEU B 86 -13.62 -14.59 21.80
CA LEU B 86 -14.53 -13.86 20.90
C LEU B 86 -14.98 -14.81 19.78
N THR B 87 -16.20 -15.30 19.91
CA THR B 87 -16.85 -16.04 18.82
C THR B 87 -17.26 -15.14 17.61
N ARG B 88 -17.59 -15.79 16.50
CA ARG B 88 -18.14 -15.11 15.31
C ARG B 88 -19.41 -14.31 15.64
N ASP B 89 -20.22 -14.81 16.61
CA ASP B 89 -21.35 -14.06 17.05
C ASP B 89 -20.89 -12.86 17.89
N ASP B 90 -19.86 -12.99 18.75
CA ASP B 90 -19.31 -11.79 19.44
C ASP B 90 -18.78 -10.78 18.42
N LEU B 91 -18.00 -11.27 17.47
CA LEU B 91 -17.45 -10.47 16.41
C LEU B 91 -18.62 -9.69 15.78
N PHE B 92 -19.68 -10.38 15.40
CA PHE B 92 -20.85 -9.73 14.84
C PHE B 92 -21.45 -8.63 15.71
N LYS B 93 -21.63 -8.91 16.97
CA LYS B 93 -22.30 -7.99 17.85
C LYS B 93 -21.44 -6.74 18.13
N MET B 94 -20.15 -6.91 18.35
CA MET B 94 -19.28 -5.76 18.55
C MET B 94 -19.11 -4.90 17.27
N ASN B 95 -19.05 -5.57 16.12
CA ASN B 95 -18.90 -4.90 14.85
C ASN B 95 -20.19 -4.16 14.43
N ALA B 96 -21.31 -4.77 14.77
CA ALA B 96 -22.58 -4.15 14.58
C ALA B 96 -22.73 -2.90 15.42
N GLY B 97 -22.32 -2.95 16.70
CA GLY B 97 -22.24 -1.72 17.53
C GLY B 97 -21.32 -0.64 17.00
N ILE B 98 -20.14 -1.03 16.52
CA ILE B 98 -19.17 -0.08 15.90
C ILE B 98 -19.82 0.60 14.63
N VAL B 99 -20.32 -0.23 13.71
CA VAL B 99 -21.00 0.26 12.48
C VAL B 99 -22.17 1.16 12.76
N LYS B 100 -23.02 0.78 13.74
CA LYS B 100 -24.14 1.61 14.14
C LYS B 100 -23.66 3.02 14.57
N SER B 101 -22.64 3.00 15.39
CA SER B 101 -22.13 4.21 15.95
C SER B 101 -21.44 5.08 14.90
N LEU B 102 -20.64 4.46 14.02
CA LEU B 102 -19.95 5.25 12.99
C LEU B 102 -20.92 5.86 11.96
N VAL B 103 -21.92 5.10 11.60
CA VAL B 103 -22.88 5.47 10.56
C VAL B 103 -23.81 6.57 11.13
N THR B 104 -24.10 6.51 12.42
CA THR B 104 -24.85 7.56 13.09
C THR B 104 -24.09 8.89 13.02
N ALA B 105 -22.79 8.80 13.26
CA ALA B 105 -21.95 9.94 13.15
C ALA B 105 -21.95 10.50 11.75
N VAL B 106 -21.94 9.62 10.74
CA VAL B 106 -22.04 10.12 9.36
C VAL B 106 -23.35 10.86 9.14
N GLY B 107 -24.43 10.22 9.57
CA GLY B 107 -25.75 10.85 9.43
C GLY B 107 -25.83 12.20 10.12
N LYS B 108 -25.13 12.38 11.23
CA LYS B 108 -25.02 13.71 11.89
C LYS B 108 -24.08 14.70 11.21
N PHE B 109 -22.89 14.28 10.87
CA PHE B 109 -21.82 15.21 10.48
C PHE B 109 -21.52 15.31 8.98
N ALA B 110 -21.93 14.31 8.19
CA ALA B 110 -21.77 14.34 6.74
C ALA B 110 -22.86 13.51 6.04
N PRO B 111 -24.12 13.91 6.22
CA PRO B 111 -25.21 13.12 5.72
C PRO B 111 -25.26 12.95 4.24
N ASN B 112 -24.59 13.82 3.47
CA ASN B 112 -24.54 13.59 2.04
C ASN B 112 -23.44 12.57 1.61
N ALA B 113 -22.67 12.00 2.55
CA ALA B 113 -21.56 11.14 2.13
C ALA B 113 -21.97 9.83 1.50
N ARG B 114 -21.16 9.39 0.52
CA ARG B 114 -21.21 7.99 0.05
C ARG B 114 -20.54 7.13 1.09
N ILE B 115 -21.26 6.17 1.69
CA ILE B 115 -20.70 5.31 2.73
C ILE B 115 -20.32 3.97 2.16
N LEU B 116 -19.04 3.63 2.26
CA LEU B 116 -18.51 2.38 1.74
C LEU B 116 -18.14 1.50 2.95
N VAL B 117 -18.92 0.46 3.18
CA VAL B 117 -18.77 -0.38 4.33
C VAL B 117 -17.86 -1.50 3.92
N ILE B 118 -16.72 -1.56 4.59
CA ILE B 118 -15.72 -2.57 4.32
C ILE B 118 -15.74 -3.64 5.37
N SER B 119 -16.07 -3.27 6.62
CA SER B 119 -16.02 -4.28 7.71
C SER B 119 -16.98 -5.45 7.49
N ASN B 120 -16.61 -6.56 8.10
CA ASN B 120 -17.34 -7.78 7.95
C ASN B 120 -18.10 -8.13 9.22
N PRO B 121 -19.25 -8.80 9.12
CA PRO B 121 -19.81 -9.33 7.85
C PRO B 121 -20.66 -8.34 7.08
N VAL B 122 -20.29 -8.08 5.83
CA VAL B 122 -21.01 -7.17 4.99
C VAL B 122 -22.48 -7.46 4.85
N ASN B 123 -22.79 -8.72 4.63
CA ASN B 123 -24.14 -9.20 4.45
C ASN B 123 -25.15 -8.69 5.48
N SER B 124 -24.74 -8.67 6.74
CA SER B 124 -25.52 -8.16 7.87
C SER B 124 -25.25 -6.71 8.24
N LEU B 125 -23.99 -6.27 8.11
CA LEU B 125 -23.64 -4.92 8.56
C LEU B 125 -24.18 -3.83 7.63
N VAL B 126 -24.28 -4.10 6.34
CA VAL B 126 -24.88 -3.12 5.45
C VAL B 126 -26.37 -2.88 5.83
N PRO B 127 -27.15 -3.93 6.11
CA PRO B 127 -28.51 -3.64 6.60
C PRO B 127 -28.58 -2.83 7.91
N ILE B 128 -27.64 -3.09 8.79
CA ILE B 128 -27.48 -2.29 10.01
C ILE B 128 -27.26 -0.81 9.69
N ALA B 129 -26.38 -0.54 8.72
CA ALA B 129 -26.08 0.86 8.30
C ALA B 129 -27.36 1.52 7.74
N VAL B 130 -28.07 0.79 6.90
CA VAL B 130 -29.28 1.29 6.24
C VAL B 130 -30.41 1.60 7.24
N GLU B 131 -30.66 0.65 8.13
CA GLU B 131 -31.69 0.85 9.17
C GLU B 131 -31.29 1.90 10.19
N THR B 132 -30.00 2.08 10.44
CA THR B 132 -29.54 3.12 11.34
C THR B 132 -29.90 4.46 10.69
N LEU B 133 -29.58 4.60 9.41
CA LEU B 133 -29.83 5.86 8.68
C LEU B 133 -31.35 6.14 8.48
N LYS B 134 -32.09 5.10 8.14
CA LYS B 134 -33.57 5.26 8.06
C LYS B 134 -34.15 5.79 9.37
N LYS B 135 -33.78 5.22 10.52
CA LYS B 135 -34.28 5.76 11.77
C LYS B 135 -34.00 7.24 11.81
N MET B 136 -32.84 7.68 11.33
CA MET B 136 -32.45 9.07 11.41
C MET B 136 -33.07 9.94 10.33
N GLY B 137 -33.82 9.40 9.39
CA GLY B 137 -34.21 10.18 8.20
C GLY B 137 -33.06 10.55 7.28
N LYS B 138 -31.94 9.81 7.33
CA LYS B 138 -30.79 10.19 6.53
C LYS B 138 -30.33 9.14 5.51
N PHE B 139 -31.26 8.37 4.97
CA PHE B 139 -30.88 7.25 4.11
C PHE B 139 -31.15 7.55 2.67
N LYS B 140 -30.11 7.48 1.87
CA LYS B 140 -30.24 7.63 0.43
C LYS B 140 -29.71 6.35 -0.19
N PRO B 141 -30.57 5.58 -0.90
CA PRO B 141 -30.15 4.25 -1.35
C PRO B 141 -28.87 4.20 -2.17
N GLY B 142 -28.66 5.20 -3.04
CA GLY B 142 -27.48 5.26 -3.87
C GLY B 142 -26.14 5.54 -3.16
N ASN B 143 -26.20 5.88 -1.89
CA ASN B 143 -25.06 6.32 -1.10
C ASN B 143 -24.60 5.29 -0.03
N VAL B 144 -25.19 4.09 0.03
CA VAL B 144 -24.71 3.06 0.96
C VAL B 144 -24.33 1.83 0.14
N MET B 145 -23.07 1.45 0.21
CA MET B 145 -22.51 0.38 -0.62
C MET B 145 -21.70 -0.49 0.30
N GLY B 146 -22.02 -1.80 0.31
CA GLY B 146 -21.16 -2.80 0.90
C GLY B 146 -20.02 -3.16 -0.04
N VAL B 147 -18.79 -3.08 0.46
CA VAL B 147 -17.68 -3.35 -0.40
C VAL B 147 -17.38 -4.85 -0.53
N THR B 148 -17.78 -5.41 -1.66
CA THR B 148 -17.63 -6.86 -1.93
C THR B 148 -16.53 -7.16 -2.95
N ASN B 149 -15.83 -6.14 -3.40
CA ASN B 149 -14.84 -6.23 -4.44
C ASN B 149 -13.73 -7.25 -4.29
N LEU B 150 -13.40 -7.63 -3.05
CA LEU B 150 -12.38 -8.64 -2.84
C LEU B 150 -12.77 -9.99 -3.45
N ASP B 151 -14.06 -10.28 -3.54
CA ASP B 151 -14.54 -11.50 -4.20
C ASP B 151 -14.25 -11.48 -5.69
N LEU B 152 -14.47 -10.36 -6.34
CA LEU B 152 -14.10 -10.19 -7.78
C LEU B 152 -12.56 -10.31 -7.98
N VAL B 153 -11.81 -9.60 -7.15
CA VAL B 153 -10.34 -9.63 -7.20
C VAL B 153 -9.84 -11.08 -7.10
N ARG B 154 -10.38 -11.84 -6.16
CA ARG B 154 -10.03 -13.26 -6.03
C ARG B 154 -10.44 -14.08 -7.25
N ALA B 155 -11.63 -13.81 -7.77
CA ALA B 155 -12.11 -14.52 -8.94
C ALA B 155 -11.17 -14.31 -10.14
N GLU B 156 -10.75 -13.06 -10.37
CA GLU B 156 -9.82 -12.72 -11.44
C GLU B 156 -8.44 -13.41 -11.29
N THR B 157 -7.96 -13.48 -10.05
CA THR B 157 -6.68 -14.11 -9.74
C THR B 157 -6.80 -15.65 -9.90
N PHE B 158 -7.83 -16.26 -9.30
CA PHE B 158 -7.93 -17.70 -9.30
C PHE B 158 -8.30 -18.22 -10.69
N LEU B 159 -9.05 -17.44 -11.46
CA LEU B 159 -9.34 -17.89 -12.77
C LEU B 159 -8.05 -18.12 -13.53
N VAL B 160 -7.13 -17.16 -13.46
CA VAL B 160 -5.88 -17.28 -14.15
C VAL B 160 -5.04 -18.40 -13.53
N ASP B 161 -5.01 -18.51 -12.20
CA ASP B 161 -4.24 -19.60 -11.57
C ASP B 161 -4.73 -20.98 -12.05
N TYR B 162 -6.05 -21.17 -12.18
CA TYR B 162 -6.55 -22.48 -12.57
C TYR B 162 -6.32 -22.73 -14.03
N LEU B 163 -6.41 -21.72 -14.89
CA LEU B 163 -6.00 -21.85 -16.28
C LEU B 163 -4.50 -22.19 -16.48
N MET B 164 -3.61 -21.57 -15.70
CA MET B 164 -2.17 -21.92 -15.72
C MET B 164 -1.95 -23.40 -15.45
N LEU B 165 -2.62 -23.85 -14.39
CA LEU B 165 -2.53 -25.22 -13.88
C LEU B 165 -3.07 -26.24 -14.88
N LYS B 166 -4.10 -25.84 -15.61
CA LYS B 166 -4.92 -26.74 -16.39
C LYS B 166 -4.55 -26.69 -17.85
N ASN B 167 -4.55 -25.49 -18.43
CA ASN B 167 -4.19 -25.28 -19.83
C ASN B 167 -3.15 -24.15 -19.94
N PRO B 168 -1.88 -24.45 -19.59
CA PRO B 168 -0.85 -23.41 -19.56
C PRO B 168 -0.85 -22.41 -20.72
N LYS B 169 -1.12 -22.84 -21.94
CA LYS B 169 -1.12 -21.91 -23.12
C LYS B 169 -2.21 -20.84 -23.07
N ILE B 170 -3.38 -21.24 -22.59
CA ILE B 170 -4.53 -20.33 -22.45
C ILE B 170 -4.25 -19.47 -21.21
N GLY B 171 -3.79 -20.08 -20.11
CA GLY B 171 -3.43 -19.38 -18.88
C GLY B 171 -2.42 -18.25 -19.11
N GLN B 172 -1.33 -18.60 -19.80
CA GLN B 172 -0.26 -17.65 -20.21
C GLN B 172 -0.84 -16.47 -21.00
N GLU B 173 -1.92 -16.71 -21.73
CA GLU B 173 -2.57 -15.63 -22.47
C GLU B 173 -3.35 -14.57 -21.63
N GLN B 174 -3.59 -14.81 -20.33
CA GLN B 174 -4.50 -13.97 -19.57
C GLN B 174 -3.77 -12.89 -18.78
N ASP B 175 -4.41 -11.78 -18.57
CA ASP B 175 -3.88 -10.73 -17.74
C ASP B 175 -4.78 -10.66 -16.48
N LYS B 176 -4.21 -10.98 -15.31
CA LYS B 176 -5.01 -10.90 -14.09
C LYS B 176 -5.72 -9.56 -13.86
N THR B 177 -5.12 -8.46 -14.32
CA THR B 177 -5.68 -7.13 -14.12
C THR B 177 -6.94 -6.85 -15.00
N THR B 178 -7.19 -7.62 -16.08
CA THR B 178 -8.34 -7.41 -16.99
C THR B 178 -9.35 -8.57 -16.99
N MET B 179 -9.22 -9.49 -16.03
CA MET B 179 -10.11 -10.65 -15.96
C MET B 179 -11.58 -10.31 -15.62
N HIS B 180 -11.84 -9.12 -15.10
CA HIS B 180 -13.19 -8.66 -14.88
C HIS B 180 -14.06 -8.65 -16.18
N ARG B 181 -13.41 -8.59 -17.34
CA ARG B 181 -14.07 -8.76 -18.61
C ARG B 181 -14.68 -10.15 -18.78
N LYS B 182 -14.27 -11.13 -17.98
CA LYS B 182 -14.61 -12.53 -18.15
C LYS B 182 -15.23 -13.17 -16.98
N VAL B 183 -15.24 -12.48 -15.84
CA VAL B 183 -15.94 -12.99 -14.68
C VAL B 183 -16.56 -11.82 -13.92
N THR B 184 -17.68 -12.09 -13.30
CA THR B 184 -18.45 -11.13 -12.51
C THR B 184 -18.83 -11.94 -11.28
N VAL B 185 -18.80 -11.34 -10.09
CA VAL B 185 -19.16 -12.01 -8.85
C VAL B 185 -20.32 -11.24 -8.27
N ILE B 186 -21.39 -11.96 -7.89
CA ILE B 186 -22.64 -11.37 -7.40
C ILE B 186 -23.01 -12.04 -6.07
N GLY B 187 -24.05 -11.58 -5.40
CA GLY B 187 -24.55 -12.24 -4.18
C GLY B 187 -24.19 -11.55 -2.88
N GLY B 188 -23.70 -12.32 -1.93
CA GLY B 188 -23.31 -11.84 -0.61
C GLY B 188 -21.81 -11.87 -0.58
N HIS B 189 -21.24 -11.73 0.61
CA HIS B 189 -19.79 -11.59 0.78
C HIS B 189 -19.13 -12.67 1.61
N SER B 190 -19.84 -13.77 1.87
CA SER B 190 -19.42 -14.85 2.72
C SER B 190 -19.85 -16.23 2.12
N GLY B 191 -18.86 -17.13 1.99
CA GLY B 191 -19.04 -18.52 1.67
C GLY B 191 -19.93 -18.76 0.49
N GLU B 192 -21.00 -19.50 0.75
CA GLU B 192 -21.91 -19.86 -0.32
C GLU B 192 -22.88 -18.77 -0.70
N THR B 193 -22.85 -17.61 -0.02
CA THR B 193 -23.55 -16.44 -0.61
C THR B 193 -22.82 -15.84 -1.81
N ILE B 194 -21.56 -16.21 -2.03
CA ILE B 194 -20.77 -15.66 -3.09
C ILE B 194 -21.02 -16.47 -4.37
N ILE B 195 -21.30 -15.81 -5.49
CA ILE B 195 -21.65 -16.45 -6.73
C ILE B 195 -20.79 -15.92 -7.88
N PRO B 196 -19.75 -16.69 -8.24
CA PRO B 196 -18.90 -16.29 -9.36
C PRO B 196 -19.51 -16.74 -10.64
N ILE B 197 -19.67 -15.82 -11.55
CA ILE B 197 -20.28 -16.04 -12.84
C ILE B 197 -19.16 -15.80 -13.83
N ILE B 198 -18.70 -16.85 -14.48
CA ILE B 198 -17.76 -16.70 -15.58
C ILE B 198 -18.58 -16.36 -16.82
N THR B 199 -18.43 -15.18 -17.38
CA THR B 199 -19.30 -14.79 -18.50
C THR B 199 -18.74 -15.22 -19.85
N ASP B 200 -17.48 -15.63 -19.92
CA ASP B 200 -16.90 -16.14 -21.19
C ASP B 200 -16.99 -17.66 -21.04
N LYS B 201 -17.87 -18.24 -21.81
CA LYS B 201 -18.05 -19.72 -21.78
C LYS B 201 -16.86 -20.51 -22.34
N SER B 202 -16.01 -19.92 -23.20
CA SER B 202 -14.75 -20.60 -23.61
C SER B 202 -13.82 -20.84 -22.47
N LEU B 203 -13.80 -19.94 -21.50
CA LEU B 203 -12.99 -20.13 -20.32
C LEU B 203 -13.53 -21.16 -19.39
N VAL B 204 -14.86 -21.23 -19.24
CA VAL B 204 -15.48 -22.36 -18.52
C VAL B 204 -15.03 -23.68 -19.23
N PHE B 205 -15.01 -23.70 -20.55
CA PHE B 205 -14.59 -24.89 -21.30
C PHE B 205 -13.13 -25.29 -20.94
N GLN B 206 -12.26 -24.29 -20.96
CA GLN B 206 -10.82 -24.46 -20.69
C GLN B 206 -10.57 -24.92 -19.31
N LEU B 207 -11.35 -24.45 -18.34
CA LEU B 207 -11.21 -24.99 -16.96
C LEU B 207 -11.57 -26.46 -16.76
N ASP B 208 -12.47 -26.97 -17.62
CA ASP B 208 -12.92 -28.35 -17.54
C ASP B 208 -13.36 -28.75 -16.11
N LYS B 209 -12.80 -29.80 -15.55
CA LYS B 209 -13.12 -30.29 -14.20
C LYS B 209 -12.61 -29.44 -13.06
N GLN B 210 -11.82 -28.42 -13.35
CA GLN B 210 -11.46 -27.39 -12.34
C GLN B 210 -12.55 -26.34 -12.06
N TYR B 211 -13.62 -26.29 -12.86
CA TYR B 211 -14.69 -25.32 -12.71
C TYR B 211 -15.25 -25.31 -11.29
N GLU B 212 -15.57 -26.47 -10.71
CA GLU B 212 -16.08 -26.47 -9.32
C GLU B 212 -15.06 -26.13 -8.23
N HIS B 213 -13.83 -26.54 -8.42
CA HIS B 213 -12.78 -26.14 -7.55
C HIS B 213 -12.64 -24.60 -7.59
N PHE B 214 -12.71 -24.00 -8.76
CA PHE B 214 -12.63 -22.56 -8.90
C PHE B 214 -13.71 -21.87 -8.07
N ILE B 215 -14.93 -22.37 -8.20
CA ILE B 215 -16.10 -21.78 -7.56
C ILE B 215 -15.89 -21.88 -6.09
N HIS B 216 -15.49 -23.07 -5.60
CA HIS B 216 -15.22 -23.26 -4.17
C HIS B 216 -14.09 -22.32 -3.70
N ARG B 217 -13.04 -22.15 -4.50
CA ARG B 217 -11.96 -21.35 -4.01
C ARG B 217 -12.31 -19.84 -3.83
N VAL B 218 -13.08 -19.29 -4.77
CA VAL B 218 -13.56 -17.89 -4.63
C VAL B 218 -14.48 -17.84 -3.39
N GLN B 219 -15.38 -18.79 -3.26
CA GLN B 219 -16.29 -18.79 -2.09
C GLN B 219 -15.59 -18.86 -0.75
N PHE B 220 -14.55 -19.67 -0.65
CA PHE B 220 -13.90 -19.87 0.66
C PHE B 220 -12.48 -19.30 0.70
N GLY B 221 -12.24 -18.25 -0.11
CA GLY B 221 -10.95 -17.58 -0.18
C GLY B 221 -10.40 -17.06 1.13
N GLY B 222 -11.25 -16.44 1.92
CA GLY B 222 -10.90 -15.88 3.22
C GLY B 222 -10.34 -16.91 4.17
N ASP B 223 -10.90 -18.14 4.12
CA ASP B 223 -10.40 -19.29 4.92
C ASP B 223 -9.02 -19.72 4.58
N GLU B 224 -8.72 -19.70 3.30
CA GLU B 224 -7.34 -19.96 2.86
C GLU B 224 -6.29 -19.04 3.55
N ILE B 225 -6.68 -17.80 3.90
CA ILE B 225 -5.74 -16.87 4.51
C ILE B 225 -5.72 -17.13 6.01
N VAL B 226 -6.90 -17.30 6.57
CA VAL B 226 -7.02 -17.55 8.01
C VAL B 226 -6.17 -18.77 8.35
N LYS B 227 -6.29 -19.80 7.53
CA LYS B 227 -5.43 -20.99 7.61
C LYS B 227 -3.94 -20.74 7.38
N ALA B 228 -3.58 -20.00 6.33
CA ALA B 228 -2.18 -19.61 6.10
C ALA B 228 -1.54 -18.82 7.29
N LYS B 229 -2.38 -18.08 8.02
CA LYS B 229 -2.01 -17.33 9.25
C LYS B 229 -2.27 -18.09 10.56
N GLN B 230 -2.22 -19.41 10.51
CA GLN B 230 -2.37 -20.28 11.69
C GLN B 230 -3.61 -20.01 12.53
N GLY B 231 -4.68 -19.50 11.89
CA GLY B 231 -5.90 -19.12 12.60
C GLY B 231 -5.85 -17.81 13.37
N ALA B 232 -4.81 -17.01 13.19
CA ALA B 232 -4.62 -15.80 13.99
C ALA B 232 -5.12 -14.49 13.34
N GLY B 233 -5.22 -14.46 12.01
CA GLY B 233 -5.64 -13.25 11.28
C GLY B 233 -6.33 -13.61 9.98
N SER B 234 -6.81 -12.62 9.24
CA SER B 234 -7.50 -12.85 7.98
C SER B 234 -6.91 -11.90 6.92
N ALA B 235 -7.50 -11.81 5.74
CA ALA B 235 -6.94 -11.00 4.68
C ALA B 235 -7.01 -9.55 5.15
N THR B 236 -5.87 -8.92 5.26
CA THR B 236 -5.77 -7.48 5.55
C THR B 236 -5.35 -6.71 4.30
N LEU B 237 -4.23 -7.09 3.74
CA LEU B 237 -3.58 -6.38 2.64
C LEU B 237 -4.38 -6.48 1.35
N SER B 238 -4.89 -7.66 1.01
CA SER B 238 -5.67 -7.84 -0.17
C SER B 238 -7.04 -7.21 0.04
N MET B 239 -7.52 -7.22 1.27
CA MET B 239 -8.74 -6.54 1.54
C MET B 239 -8.63 -5.00 1.38
N ALA B 240 -7.54 -4.42 1.90
CA ALA B 240 -7.25 -3.02 1.71
C ALA B 240 -7.10 -2.71 0.22
N PHE B 241 -6.45 -3.59 -0.52
CA PHE B 241 -6.28 -3.43 -1.97
C PHE B 241 -7.66 -3.35 -2.71
N ALA B 242 -8.54 -4.29 -2.37
CA ALA B 242 -9.83 -4.41 -3.04
C ALA B 242 -10.70 -3.23 -2.65
N GLY B 243 -10.62 -2.85 -1.38
CA GLY B 243 -11.29 -1.66 -0.90
C GLY B 243 -10.88 -0.37 -1.59
N ALA B 244 -9.58 -0.13 -1.71
CA ALA B 244 -9.08 1.01 -2.43
C ALA B 244 -9.44 0.96 -3.93
N LYS B 245 -9.45 -0.22 -4.51
CA LYS B 245 -9.82 -0.30 -5.94
C LYS B 245 -11.26 0.06 -6.15
N PHE B 246 -12.12 -0.38 -5.24
CA PHE B 246 -13.54 0.00 -5.35
C PHE B 246 -13.72 1.49 -5.06
N ALA B 247 -13.06 1.96 -4.00
CA ALA B 247 -13.12 3.38 -3.67
C ALA B 247 -12.68 4.22 -4.87
N GLU B 248 -11.61 3.82 -5.55
CA GLU B 248 -11.19 4.56 -6.76
C GLU B 248 -12.26 4.68 -7.87
N GLU B 249 -13.07 3.65 -7.99
CA GLU B 249 -14.14 3.66 -9.01
C GLU B 249 -15.22 4.69 -8.66
N VAL B 250 -15.53 4.75 -7.35
CA VAL B 250 -16.39 5.75 -6.78
C VAL B 250 -15.83 7.16 -6.98
N LEU B 251 -14.57 7.36 -6.65
CA LEU B 251 -13.91 8.66 -6.82
C LEU B 251 -13.83 9.08 -8.33
N ARG B 252 -13.60 8.12 -9.23
CA ARG B 252 -13.52 8.47 -10.68
C ARG B 252 -14.88 9.08 -11.12
N SER B 253 -15.99 8.53 -10.61
CA SER B 253 -17.34 9.03 -10.93
C SER B 253 -17.61 10.46 -10.48
N PHE B 254 -16.94 10.99 -9.49
CA PHE B 254 -16.98 12.44 -9.21
C PHE B 254 -16.25 13.23 -10.29
N HIS B 255 -15.39 12.56 -11.05
CA HIS B 255 -14.46 13.22 -11.97
C HIS B 255 -14.86 13.04 -13.40
N ASN B 256 -16.11 12.68 -13.62
CA ASN B 256 -16.62 12.38 -14.91
C ASN B 256 -15.80 11.35 -15.66
N GLU B 257 -15.48 10.23 -15.03
CA GLU B 257 -14.78 9.12 -15.72
C GLU B 257 -15.50 7.80 -15.54
N LYS B 258 -15.52 7.00 -16.61
CA LYS B 258 -16.13 5.63 -16.63
C LYS B 258 -15.27 4.74 -15.78
N PRO B 259 -15.88 3.75 -15.09
CA PRO B 259 -15.07 2.86 -14.25
C PRO B 259 -14.12 2.03 -15.11
N GLU B 260 -12.97 1.68 -14.58
CA GLU B 260 -12.10 0.70 -15.24
C GLU B 260 -12.60 -0.75 -15.18
N THR B 261 -13.43 -1.11 -14.18
CA THR B 261 -13.93 -2.47 -14.02
C THR B 261 -15.23 -2.65 -14.83
N GLU B 262 -15.23 -3.57 -15.80
CA GLU B 262 -16.52 -4.09 -16.33
C GLU B 262 -17.40 -4.77 -15.23
N SER B 263 -18.69 -4.41 -15.21
CA SER B 263 -19.68 -5.02 -14.27
C SER B 263 -19.22 -4.99 -12.79
N LEU B 264 -18.70 -3.82 -12.42
CA LEU B 264 -18.29 -3.57 -11.04
C LEU B 264 -19.48 -3.76 -10.08
N SER B 265 -19.33 -4.62 -9.08
CA SER B 265 -20.44 -4.93 -8.17
C SER B 265 -20.27 -4.41 -6.75
N ALA B 266 -21.40 -4.16 -6.08
CA ALA B 266 -21.41 -3.78 -4.67
C ALA B 266 -22.71 -4.23 -4.04
N PHE B 267 -22.72 -4.41 -2.73
CA PHE B 267 -23.85 -4.96 -2.00
C PHE B 267 -24.75 -3.75 -1.73
N VAL B 268 -25.90 -3.72 -2.38
CA VAL B 268 -26.75 -2.53 -2.32
C VAL B 268 -28.21 -2.86 -2.00
N TYR B 269 -28.92 -1.84 -1.57
CA TYR B 269 -30.35 -1.87 -1.20
C TYR B 269 -31.24 -1.89 -2.43
N LEU B 270 -31.69 -3.08 -2.81
CA LEU B 270 -32.42 -3.23 -4.04
C LEU B 270 -33.75 -2.40 -4.13
N PRO B 271 -34.55 -2.37 -3.05
CA PRO B 271 -35.86 -1.71 -3.28
C PRO B 271 -35.83 -0.24 -3.60
N GLY B 272 -34.71 0.43 -3.31
CA GLY B 272 -34.61 1.86 -3.44
C GLY B 272 -33.87 2.20 -4.68
N LEU B 273 -33.53 1.23 -5.51
CA LEU B 273 -32.66 1.55 -6.66
C LEU B 273 -33.27 1.12 -7.98
N LYS B 274 -33.12 1.93 -9.01
CA LYS B 274 -33.62 1.55 -10.35
C LYS B 274 -33.11 0.19 -10.84
N ASN B 275 -34.08 -0.61 -11.32
CA ASN B 275 -33.98 -2.00 -11.73
C ASN B 275 -33.83 -2.92 -10.58
N GLY B 276 -33.98 -2.43 -9.35
CA GLY B 276 -33.93 -3.26 -8.18
C GLY B 276 -35.04 -4.29 -8.10
N LYS B 277 -36.22 -3.91 -8.57
CA LYS B 277 -37.39 -4.81 -8.61
C LYS B 277 -37.14 -5.94 -9.60
N LYS B 278 -36.74 -5.59 -10.82
CA LYS B 278 -36.29 -6.58 -11.83
C LYS B 278 -35.25 -7.56 -11.31
N ALA B 279 -34.32 -7.06 -10.48
CA ALA B 279 -33.27 -7.90 -9.92
C ALA B 279 -33.76 -8.81 -8.82
N GLN B 280 -34.67 -8.34 -7.97
CA GLN B 280 -35.35 -9.22 -7.07
C GLN B 280 -36.06 -10.37 -7.85
N GLN B 281 -36.69 -10.03 -8.98
CA GLN B 281 -37.41 -11.05 -9.81
C GLN B 281 -36.38 -12.06 -10.35
N LEU B 282 -35.33 -11.56 -10.96
CA LEU B 282 -34.26 -12.44 -11.54
C LEU B 282 -33.56 -13.34 -10.54
N VAL B 283 -33.34 -12.91 -9.31
CA VAL B 283 -32.70 -13.83 -8.34
C VAL B 283 -33.68 -14.71 -7.63
N GLY B 284 -34.97 -14.53 -7.93
CA GLY B 284 -36.00 -15.50 -7.54
C GLY B 284 -36.47 -15.32 -6.10
N ASP B 285 -36.46 -14.08 -5.61
CA ASP B 285 -36.92 -13.77 -4.27
C ASP B 285 -37.37 -12.32 -4.23
N ASN B 286 -38.69 -12.16 -4.08
CA ASN B 286 -39.37 -10.93 -4.44
C ASN B 286 -39.29 -9.90 -3.36
N SER B 287 -38.91 -10.31 -2.16
CA SER B 287 -38.73 -9.40 -1.09
C SER B 287 -37.24 -9.26 -0.67
N ILE B 288 -36.27 -9.89 -1.36
CA ILE B 288 -34.86 -9.84 -0.87
C ILE B 288 -34.35 -8.38 -1.05
N GLU B 289 -33.96 -7.80 0.06
CA GLU B 289 -33.64 -6.37 0.10
C GLU B 289 -32.22 -5.97 -0.35
N TYR B 290 -31.26 -6.90 -0.26
CA TYR B 290 -29.85 -6.65 -0.58
C TYR B 290 -29.29 -7.68 -1.49
N PHE B 291 -28.35 -7.25 -2.34
CA PHE B 291 -27.59 -8.15 -3.16
C PHE B 291 -26.43 -7.37 -3.73
N SER B 292 -25.31 -8.05 -4.00
CA SER B 292 -24.19 -7.43 -4.71
C SER B 292 -24.38 -7.68 -6.19
N LEU B 293 -24.47 -6.64 -6.99
CA LEU B 293 -24.76 -6.75 -8.39
C LEU B 293 -24.07 -5.65 -9.11
N PRO B 294 -23.98 -5.72 -10.43
CA PRO B 294 -23.34 -4.61 -11.13
C PRO B 294 -24.11 -3.30 -10.99
N ILE B 295 -23.41 -2.19 -10.80
CA ILE B 295 -23.99 -0.89 -10.47
C ILE B 295 -23.51 0.17 -11.48
N VAL B 296 -24.30 1.22 -11.68
CA VAL B 296 -23.88 2.37 -12.50
C VAL B 296 -23.75 3.50 -11.50
N LEU B 297 -22.61 4.19 -11.51
CA LEU B 297 -22.33 5.29 -10.61
C LEU B 297 -22.50 6.60 -11.37
N ARG B 298 -23.04 7.61 -10.70
CA ARG B 298 -23.01 9.00 -11.18
C ARG B 298 -22.77 9.84 -10.00
N ASN B 299 -21.78 10.73 -10.09
CA ASN B 299 -21.34 11.56 -8.99
C ASN B 299 -21.21 10.82 -7.63
N GLY B 300 -20.63 9.61 -7.72
CA GLY B 300 -20.32 8.80 -6.55
C GLY B 300 -21.44 7.98 -5.98
N SER B 301 -22.62 8.07 -6.59
CA SER B 301 -23.84 7.48 -6.07
C SER B 301 -24.25 6.43 -7.08
N VAL B 302 -24.80 5.34 -6.57
CA VAL B 302 -25.37 4.31 -7.39
C VAL B 302 -26.73 4.82 -7.88
N VAL B 303 -26.87 5.02 -9.20
CA VAL B 303 -28.09 5.46 -9.86
C VAL B 303 -28.88 4.33 -10.49
N SER B 304 -28.26 3.20 -10.84
CA SER B 304 -29.08 2.04 -11.22
C SER B 304 -28.30 0.81 -11.08
N ILE B 305 -29.01 -0.32 -11.10
CA ILE B 305 -28.42 -1.67 -11.11
C ILE B 305 -28.41 -2.22 -12.56
N ASP B 306 -27.31 -2.82 -12.98
CA ASP B 306 -27.26 -3.46 -14.29
C ASP B 306 -27.56 -4.93 -14.05
N THR B 307 -28.70 -5.38 -14.57
CA THR B 307 -29.18 -6.78 -14.39
C THR B 307 -28.80 -7.77 -15.51
N SER B 308 -28.04 -7.31 -16.52
CA SER B 308 -27.57 -8.13 -17.66
C SER B 308 -27.08 -9.54 -17.29
N VAL B 309 -26.06 -9.60 -16.41
CA VAL B 309 -25.50 -10.83 -15.91
C VAL B 309 -26.56 -11.82 -15.44
N LEU B 310 -27.62 -11.33 -14.78
CA LEU B 310 -28.65 -12.23 -14.25
C LEU B 310 -29.57 -12.77 -15.37
N GLU B 311 -29.63 -12.09 -16.51
CA GLU B 311 -30.49 -12.52 -17.61
C GLU B 311 -29.94 -13.81 -18.17
N LYS B 312 -28.62 -13.85 -18.37
CA LYS B 312 -27.95 -14.88 -19.18
C LYS B 312 -27.36 -16.00 -18.35
N LEU B 313 -27.81 -16.20 -17.11
CA LEU B 313 -27.24 -17.22 -16.21
C LEU B 313 -27.33 -18.63 -16.77
N SER B 314 -26.23 -19.39 -16.72
CA SER B 314 -26.25 -20.85 -16.90
C SER B 314 -27.15 -21.52 -15.88
N PRO B 315 -27.56 -22.77 -16.15
CA PRO B 315 -28.25 -23.67 -15.24
C PRO B 315 -27.59 -23.95 -13.91
N ARG B 316 -26.30 -24.21 -13.92
CA ARG B 316 -25.55 -24.42 -12.66
C ARG B 316 -25.44 -23.11 -11.81
N GLU B 317 -25.30 -21.99 -12.51
CA GLU B 317 -25.26 -20.66 -11.84
C GLU B 317 -26.57 -20.40 -11.12
N GLU B 318 -27.67 -20.70 -11.83
CA GLU B 318 -28.99 -20.68 -11.18
C GLU B 318 -29.06 -21.41 -9.84
N GLN B 319 -28.47 -22.59 -9.70
N GLN B 319 -28.43 -22.57 -9.74
CA GLN B 319 -28.46 -23.23 -8.37
CA GLN B 319 -28.40 -23.31 -8.47
C GLN B 319 -27.63 -22.48 -7.34
C GLN B 319 -27.54 -22.64 -7.36
N LEU B 320 -26.53 -21.88 -7.79
CA LEU B 320 -25.65 -21.17 -6.83
C LEU B 320 -26.43 -20.01 -6.24
N VAL B 321 -27.18 -19.38 -7.10
CA VAL B 321 -28.02 -18.23 -6.77
C VAL B 321 -29.06 -18.62 -5.78
N ASN B 322 -29.73 -19.75 -6.03
CA ASN B 322 -30.69 -20.27 -5.03
C ASN B 322 -30.10 -20.60 -3.69
N THR B 323 -28.95 -21.24 -3.63
CA THR B 323 -28.31 -21.51 -2.33
C THR B 323 -27.93 -20.23 -1.63
N ALA B 324 -27.32 -19.30 -2.37
CA ALA B 324 -26.93 -17.98 -1.80
C ALA B 324 -28.10 -17.20 -1.20
N VAL B 325 -29.16 -17.02 -1.99
CA VAL B 325 -30.40 -16.34 -1.58
C VAL B 325 -30.97 -16.87 -0.24
N LYS B 326 -30.98 -18.18 -0.08
CA LYS B 326 -31.51 -18.78 1.14
C LYS B 326 -30.76 -18.29 2.33
N GLU B 327 -29.44 -18.35 2.26
CA GLU B 327 -28.59 -18.00 3.40
C GLU B 327 -28.54 -16.48 3.56
N LEU B 328 -28.55 -15.76 2.44
CA LEU B 328 -28.45 -14.31 2.48
C LEU B 328 -29.65 -13.68 3.18
N ARG B 329 -30.85 -14.25 2.97
CA ARG B 329 -32.06 -13.79 3.62
C ARG B 329 -31.85 -13.81 5.11
N LYS B 330 -31.20 -14.84 5.65
CA LYS B 330 -31.01 -14.91 7.10
C LYS B 330 -29.95 -13.95 7.56
N ASN B 331 -28.89 -13.78 6.78
CA ASN B 331 -27.87 -12.80 7.19
C ASN B 331 -28.48 -11.38 7.22
N ILE B 332 -29.29 -11.03 6.21
CA ILE B 332 -29.98 -9.74 6.15
C ILE B 332 -30.84 -9.52 7.39
N GLU B 333 -31.67 -10.53 7.69
CA GLU B 333 -32.54 -10.46 8.90
C GLU B 333 -31.79 -10.37 10.23
N LYS B 334 -30.63 -11.00 10.34
CA LYS B 334 -29.82 -10.85 11.55
C LYS B 334 -29.36 -9.38 11.75
N GLY B 335 -28.99 -8.71 10.66
CA GLY B 335 -28.61 -7.30 10.70
C GLY B 335 -29.78 -6.37 10.99
N LYS B 336 -30.83 -6.50 10.21
CA LYS B 336 -32.07 -5.77 10.46
C LYS B 336 -32.56 -5.83 11.90
N SER B 337 -32.52 -7.02 12.49
CA SER B 337 -33.07 -7.20 13.84
C SER B 337 -32.13 -6.64 14.90
N PHE B 338 -30.85 -6.42 14.58
CA PHE B 338 -29.97 -5.69 15.49
C PHE B 338 -30.47 -4.26 15.74
N ILE B 339 -31.03 -3.62 14.73
CA ILE B 339 -31.50 -2.27 14.84
C ILE B 339 -32.98 -2.28 15.21
N LEU B 340 -33.79 -3.11 14.55
CA LEU B 340 -35.22 -2.99 14.71
C LEU B 340 -35.79 -3.46 16.10
N ASP B 341 -34.96 -3.89 17.06
CA ASP B 341 -35.43 -4.33 18.42
C ASP B 341 -34.97 -3.49 19.60
C1 GOL C . 19.07 -14.76 10.19
O1 GOL C . 19.16 -13.56 9.42
C2 GOL C . 18.78 -15.87 9.20
O2 GOL C . 17.44 -15.59 8.79
C3 GOL C . 19.73 -15.83 7.99
O3 GOL C . 19.97 -17.13 7.47
PA NAD D . 9.36 -3.70 12.73
O1A NAD D . 7.94 -3.29 12.55
O2A NAD D . 9.96 -4.16 14.04
O5B NAD D . 9.67 -4.77 11.58
C5B NAD D . 10.95 -5.35 11.43
C4B NAD D . 10.86 -6.75 10.80
O4B NAD D . 12.18 -7.22 10.66
C3B NAD D . 10.14 -7.71 11.77
O3B NAD D . 9.09 -8.33 11.05
C2B NAD D . 11.17 -8.70 12.24
O2B NAD D . 10.68 -10.05 12.34
C1B NAD D . 12.11 -8.59 11.08
N9A NAD D . 13.45 -9.18 11.31
C8A NAD D . 14.29 -8.99 12.33
N7A NAD D . 15.42 -9.73 12.13
C5A NAD D . 15.28 -10.42 10.98
C6A NAD D . 16.07 -11.39 10.22
N6A NAD D . 17.26 -11.76 10.67
N1A NAD D . 15.54 -11.87 9.08
C2A NAD D . 14.34 -11.47 8.60
N3A NAD D . 13.56 -10.60 9.26
C4A NAD D . 13.97 -10.05 10.42
O3 NAD D . 10.30 -2.47 12.22
PN NAD D . 9.96 -1.45 10.96
O1N NAD D . 9.54 -2.21 9.75
O2N NAD D . 9.28 -0.22 11.49
O5D NAD D . 11.44 -0.89 10.60
C5D NAD D . 12.33 -1.78 9.91
C4D NAD D . 13.63 -1.08 9.62
O4D NAD D . 13.37 -0.04 8.65
C3D NAD D . 14.30 -0.42 10.82
O3D NAD D . 15.72 -0.54 10.68
C2D NAD D . 13.98 1.03 10.69
O2D NAD D . 14.96 1.83 11.35
C1D NAD D . 14.05 1.12 9.14
N1N NAD D . 13.50 2.36 8.57
C2N NAD D . 14.22 2.91 7.55
C3N NAD D . 13.79 4.08 6.92
C7N NAD D . 14.58 4.66 5.77
O7N NAD D . 14.41 5.84 5.52
N7N NAD D . 15.39 3.93 4.95
C4N NAD D . 12.60 4.69 7.35
C5N NAD D . 11.88 4.13 8.40
C6N NAD D . 12.35 2.94 9.00
CL CL E . 22.42 -15.05 -8.31
CL CL F . -22.53 16.54 4.10
PB ADP G . -8.97 -5.48 10.86
O1B ADP G . -10.47 -5.75 11.09
O2B ADP G . -8.29 -6.65 10.20
O3B ADP G . -8.61 -4.19 10.13
PA ADP G . -8.01 -4.49 13.50
O1A ADP G . -8.58 -4.74 14.88
O2A ADP G . -6.51 -4.58 13.30
O3A ADP G . -8.62 -5.51 12.42
O5' ADP G . -8.53 -3.03 13.02
C5' ADP G . -9.81 -2.42 13.31
C4' ADP G . -9.68 -0.92 13.67
O4' ADP G . -10.96 -0.39 13.98
C3' ADP G . -8.79 -0.72 14.90
O3' ADP G . -7.75 0.23 14.58
C2' ADP G . -9.69 -0.24 16.01
O2' ADP G . -9.10 0.69 16.95
C1' ADP G . -10.77 0.43 15.13
N9 ADP G . -12.05 0.70 15.82
C8 ADP G . -12.72 -0.10 16.68
N7 ADP G . -13.84 0.56 17.07
C5 ADP G . -13.90 1.75 16.48
C6 ADP G . -14.82 2.92 16.47
N6 ADP G . -15.96 2.96 17.17
N1 ADP G . -14.49 3.95 15.70
C2 ADP G . -13.36 3.97 14.94
N3 ADP G . -12.48 2.95 14.94
C4 ADP G . -12.71 1.83 15.65
#